data_3CVT
#
_entry.id   3CVT
#
_cell.length_a   75.413
_cell.length_b   101.229
_cell.length_c   103.032
_cell.angle_alpha   90.00
_cell.angle_beta   94.28
_cell.angle_gamma   90.00
#
_symmetry.space_group_name_H-M   'P 1 21 1'
#
loop_
_entity.id
_entity.type
_entity.pdbx_description
1 polymer 'DNA-3-methyladenine glycosylase 2'
2 polymer "DNA (5'-D(*DGP*DAP*DCP*DAP*DTP*(8OG)P*DAP*DGP*DTP*DGP*DCP*DC)-3')"
3 polymer "DNA (5'-D(*DGP*DGP*DCP*DAP*DCP*DTP*DCP*DAP*DTP*DGP*DTP*DC)-3')"
4 water water
#
loop_
_entity_poly.entity_id
_entity_poly.type
_entity_poly.pdbx_seq_one_letter_code
_entity_poly.pdbx_strand_id
1 'polypeptide(L)'
;MYTLNWQPPYDWSWMLGFLAARAVSSVETVADSYYARSLAVGEYRGVVTAIPDIARHTLHINLSAGLEPVAAECLAKMSR
LFDLQCNPQIVNGALGRLGAARPGLRLPGCVDAFEQGVRAILGQLVSVAMAAKLTARVAQLYGERLDDFPEYICFPTPQR
LAAADPQALKALGMPLKRAEALIHLANAALEGTLPMTIPGDVEQAMKTLQTFPGIGRWTANYFALRGWQAKDVFLPDDYL
IKQRFPGMTPAQIRRYAERWKPWRSYALLHIWYTEGWQPDEA
;
A,B,C,D
2 'polydeoxyribonucleotide' (DG)(DA)(DC)(DA)(DT)(8OG)(DA)(DG)(DT)(DG)(DC)(DC) E,G
3 'polydeoxyribonucleotide' (DG)(DG)(DC)(DA)(DC)(DT)(DC)(DA)(DT)(DG)(DT)(DC) F,H
#
loop_
_chem_comp.id
_chem_comp.type
_chem_comp.name
_chem_comp.formula
8OG DNA linking 8-OXO-2'-DEOXY-GUANOSINE-5'-MONOPHOSPHATE 'C10 H14 N5 O8 P'
DA DNA linking 2'-DEOXYADENOSINE-5'-MONOPHOSPHATE 'C10 H14 N5 O6 P'
DC DNA linking 2'-DEOXYCYTIDINE-5'-MONOPHOSPHATE 'C9 H14 N3 O7 P'
DG DNA linking 2'-DEOXYGUANOSINE-5'-MONOPHOSPHATE 'C10 H14 N5 O7 P'
DT DNA linking THYMIDINE-5'-MONOPHOSPHATE 'C10 H15 N2 O8 P'
#
# COMPACT_ATOMS: atom_id res chain seq x y z
N MET A 1 43.07 0.05 -26.76
CA MET A 1 43.76 -0.04 -25.43
C MET A 1 43.38 -1.32 -24.68
N TYR A 2 42.24 -1.30 -23.99
CA TYR A 2 41.75 -2.49 -23.25
C TYR A 2 41.21 -3.46 -24.27
N THR A 3 41.28 -4.76 -23.99
CA THR A 3 40.76 -5.73 -24.94
C THR A 3 39.96 -6.85 -24.27
N LEU A 4 38.87 -7.28 -24.92
CA LEU A 4 38.00 -8.36 -24.43
C LEU A 4 37.82 -9.35 -25.57
N ASN A 5 37.59 -10.62 -25.24
CA ASN A 5 37.39 -11.65 -26.25
C ASN A 5 35.93 -12.03 -26.49
N TRP A 6 35.69 -12.76 -27.58
CA TRP A 6 34.35 -13.24 -27.93
C TRP A 6 34.52 -14.49 -28.78
N GLN A 7 33.49 -15.34 -28.81
CA GLN A 7 33.56 -16.55 -29.61
C GLN A 7 32.86 -16.35 -30.94
N PRO A 8 33.48 -16.82 -32.05
CA PRO A 8 32.94 -16.71 -33.41
C PRO A 8 31.77 -17.66 -33.61
N PRO A 9 30.86 -17.34 -34.53
CA PRO A 9 30.87 -16.12 -35.37
C PRO A 9 30.22 -14.96 -34.66
N TYR A 10 30.54 -13.75 -35.09
CA TYR A 10 29.93 -12.56 -34.51
C TYR A 10 29.67 -11.63 -35.67
N ASP A 11 28.39 -11.40 -35.96
CA ASP A 11 28.00 -10.53 -37.06
C ASP A 11 28.07 -9.07 -36.65
N TRP A 12 29.27 -8.50 -36.68
CA TRP A 12 29.47 -7.10 -36.32
C TRP A 12 28.77 -6.06 -37.19
N SER A 13 28.48 -6.40 -38.44
CA SER A 13 27.77 -5.43 -39.30
C SER A 13 26.31 -5.32 -38.91
N TRP A 14 25.70 -6.46 -38.57
CA TRP A 14 24.31 -6.50 -38.15
C TRP A 14 24.19 -5.73 -36.83
N MET A 15 25.09 -6.02 -35.89
CA MET A 15 25.09 -5.38 -34.59
C MET A 15 25.30 -3.88 -34.68
N LEU A 16 26.31 -3.45 -35.43
CA LEU A 16 26.55 -2.02 -35.58
C LEU A 16 25.37 -1.41 -36.31
N GLY A 17 24.87 -2.13 -37.31
CA GLY A 17 23.73 -1.65 -38.06
C GLY A 17 22.56 -1.41 -37.12
N PHE A 18 22.27 -2.40 -36.30
CA PHE A 18 21.17 -2.33 -35.33
C PHE A 18 21.34 -1.15 -34.38
N LEU A 19 22.55 -0.96 -33.89
CA LEU A 19 22.79 0.15 -32.97
C LEU A 19 22.69 1.49 -33.71
N ALA A 20 23.20 1.52 -34.94
CA ALA A 20 23.18 2.73 -35.74
C ALA A 20 21.77 3.25 -35.94
N ALA A 21 20.83 2.36 -36.24
CA ALA A 21 19.45 2.78 -36.47
C ALA A 21 18.82 3.49 -35.27
N ARG A 22 19.18 3.08 -34.07
CA ARG A 22 18.60 3.65 -32.86
C ARG A 22 19.48 4.67 -32.16
N ALA A 23 20.66 4.91 -32.72
CA ALA A 23 21.61 5.85 -32.13
C ALA A 23 21.03 7.22 -31.77
N VAL A 24 21.55 7.80 -30.70
CA VAL A 24 21.06 9.10 -30.28
C VAL A 24 22.13 10.17 -30.50
N SER A 25 21.72 11.19 -31.23
CA SER A 25 22.54 12.34 -31.59
C SER A 25 23.18 13.04 -30.40
N SER A 26 24.51 13.14 -30.47
CA SER A 26 25.32 13.80 -29.44
C SER A 26 25.77 12.78 -28.40
N VAL A 27 25.04 11.68 -28.30
CA VAL A 27 25.38 10.65 -27.34
C VAL A 27 26.23 9.54 -27.96
N GLU A 28 25.76 8.97 -29.06
CA GLU A 28 26.49 7.89 -29.71
C GLU A 28 27.01 8.28 -31.09
N THR A 29 27.86 7.41 -31.63
CA THR A 29 28.44 7.59 -32.94
C THR A 29 28.76 6.19 -33.45
N VAL A 30 28.14 5.81 -34.57
CA VAL A 30 28.33 4.49 -35.13
C VAL A 30 28.83 4.54 -36.58
N ALA A 31 29.92 3.82 -36.84
CA ALA A 31 30.52 3.70 -38.15
C ALA A 31 30.69 2.21 -38.42
N ASP A 32 31.15 1.84 -39.60
CA ASP A 32 31.28 0.40 -39.89
C ASP A 32 32.43 -0.29 -39.19
N SER A 33 33.32 0.47 -38.57
CA SER A 33 34.46 -0.16 -37.90
C SER A 33 34.47 0.00 -36.39
N TYR A 34 33.65 0.90 -35.88
CA TYR A 34 33.62 1.11 -34.43
C TYR A 34 32.32 1.69 -33.93
N TYR A 35 32.23 1.76 -32.60
CA TYR A 35 31.09 2.30 -31.87
C TYR A 35 31.72 3.18 -30.82
N ALA A 36 31.07 4.28 -30.48
CA ALA A 36 31.62 5.15 -29.45
C ALA A 36 30.52 6.02 -28.89
N ARG A 37 30.61 6.34 -27.60
CA ARG A 37 29.60 7.18 -26.95
C ARG A 37 30.10 7.76 -25.64
N SER A 38 29.29 8.67 -25.09
CA SER A 38 29.58 9.31 -23.82
C SER A 38 29.21 8.25 -22.79
N LEU A 39 29.73 8.38 -21.58
CA LEU A 39 29.42 7.39 -20.58
C LEU A 39 29.68 7.91 -19.20
N ALA A 40 28.74 7.68 -18.32
CA ALA A 40 28.87 8.11 -16.94
C ALA A 40 28.81 6.90 -16.03
N VAL A 41 29.70 6.88 -15.04
CA VAL A 41 29.75 5.83 -14.03
C VAL A 41 29.94 6.63 -12.75
N GLY A 42 28.86 6.81 -11.99
CA GLY A 42 28.97 7.63 -10.80
C GLY A 42 29.27 9.01 -11.34
N GLU A 43 30.14 9.78 -10.70
CA GLU A 43 30.41 11.08 -11.30
C GLU A 43 31.70 11.13 -12.09
N TYR A 44 32.04 9.98 -12.66
CA TYR A 44 33.21 9.85 -13.52
C TYR A 44 32.60 9.95 -14.91
N ARG A 45 33.30 10.56 -15.85
CA ARG A 45 32.75 10.73 -17.19
C ARG A 45 33.78 10.73 -18.31
N GLY A 46 33.31 10.43 -19.51
CA GLY A 46 34.19 10.41 -20.65
C GLY A 46 33.59 9.78 -21.90
N VAL A 47 34.46 9.41 -22.82
CA VAL A 47 34.05 8.77 -24.06
C VAL A 47 34.66 7.39 -24.17
N VAL A 48 33.85 6.43 -24.59
CA VAL A 48 34.32 5.07 -24.76
C VAL A 48 34.29 4.76 -26.25
N THR A 49 35.35 4.11 -26.72
CA THR A 49 35.42 3.75 -28.12
C THR A 49 35.66 2.26 -28.20
N ALA A 50 34.84 1.58 -28.98
CA ALA A 50 34.97 0.14 -29.13
C ALA A 50 35.33 -0.20 -30.56
N ILE A 51 36.35 -1.01 -30.74
CA ILE A 51 36.80 -1.36 -32.09
C ILE A 51 36.97 -2.86 -32.22
N PRO A 52 36.09 -3.51 -32.98
CA PRO A 52 36.23 -4.95 -33.13
C PRO A 52 37.41 -5.28 -34.01
N ASP A 53 37.97 -6.47 -33.81
CA ASP A 53 39.10 -6.96 -34.59
C ASP A 53 38.67 -8.36 -35.01
N ILE A 54 37.86 -8.41 -36.07
CA ILE A 54 37.34 -9.65 -36.61
C ILE A 54 38.41 -10.72 -36.66
N ALA A 55 39.55 -10.32 -37.21
CA ALA A 55 40.70 -11.20 -37.36
C ALA A 55 41.01 -12.04 -36.13
N ARG A 56 41.16 -11.38 -34.98
CA ARG A 56 41.50 -12.07 -33.74
C ARG A 56 40.39 -12.26 -32.70
N HIS A 57 39.13 -12.05 -33.10
CA HIS A 57 37.98 -12.15 -32.20
C HIS A 57 38.20 -11.38 -30.92
N THR A 58 38.56 -10.12 -31.05
CA THR A 58 38.80 -9.27 -29.90
C THR A 58 38.17 -7.91 -30.08
N LEU A 59 37.71 -7.33 -28.97
CA LEU A 59 37.11 -6.03 -29.02
C LEU A 59 38.01 -5.11 -28.20
N HIS A 60 38.51 -4.07 -28.83
CA HIS A 60 39.38 -3.14 -28.17
C HIS A 60 38.58 -1.96 -27.65
N ILE A 61 38.72 -1.67 -26.36
CA ILE A 61 37.99 -0.56 -25.77
C ILE A 61 38.98 0.52 -25.40
N ASN A 62 38.63 1.77 -25.67
CA ASN A 62 39.48 2.87 -25.30
C ASN A 62 38.65 3.77 -24.39
N LEU A 63 39.28 4.31 -23.35
CA LEU A 63 38.57 5.20 -22.45
C LEU A 63 39.31 6.53 -22.30
N SER A 64 38.56 7.61 -22.39
CA SER A 64 39.12 8.94 -22.22
C SER A 64 39.49 8.95 -20.75
N ALA A 65 40.52 9.72 -20.40
CA ALA A 65 41.02 9.80 -19.03
C ALA A 65 39.97 9.87 -17.93
N GLY A 66 38.89 10.61 -18.15
CA GLY A 66 37.87 10.71 -17.12
C GLY A 66 37.28 9.40 -16.62
N LEU A 67 37.23 8.37 -17.47
CA LEU A 67 36.66 7.08 -17.10
C LEU A 67 37.66 6.06 -16.54
N GLU A 68 38.94 6.33 -16.68
CA GLU A 68 39.98 5.42 -16.22
C GLU A 68 39.84 4.84 -14.80
N PRO A 69 39.46 5.66 -13.81
CA PRO A 69 39.31 5.18 -12.43
C PRO A 69 38.32 4.02 -12.30
N VAL A 70 37.33 3.99 -13.18
CA VAL A 70 36.31 2.95 -13.17
C VAL A 70 36.36 2.12 -14.46
N ALA A 71 37.56 2.01 -15.02
CA ALA A 71 37.75 1.26 -16.27
C ALA A 71 37.01 -0.08 -16.33
N ALA A 72 37.13 -0.88 -15.30
CA ALA A 72 36.51 -2.21 -15.28
C ALA A 72 35.00 -2.17 -15.39
N GLU A 73 34.39 -1.14 -14.80
CA GLU A 73 32.94 -1.05 -14.88
C GLU A 73 32.64 -0.67 -16.33
N CYS A 74 33.47 0.19 -16.89
CA CYS A 74 33.24 0.58 -18.27
C CYS A 74 33.30 -0.64 -19.20
N LEU A 75 34.25 -1.53 -18.94
CA LEU A 75 34.41 -2.74 -19.75
C LEU A 75 33.19 -3.64 -19.58
N ALA A 76 32.73 -3.76 -18.35
CA ALA A 76 31.57 -4.59 -18.04
C ALA A 76 30.36 -4.10 -18.83
N LYS A 77 30.15 -2.79 -18.81
CA LYS A 77 29.00 -2.21 -19.51
C LYS A 77 29.10 -2.50 -21.01
N MET A 78 30.32 -2.49 -21.54
CA MET A 78 30.55 -2.74 -22.95
C MET A 78 30.27 -4.18 -23.30
N SER A 79 30.66 -5.10 -22.43
CA SER A 79 30.45 -6.52 -22.71
C SER A 79 28.98 -6.91 -22.65
N ARG A 80 28.20 -6.20 -21.85
CA ARG A 80 26.77 -6.49 -21.73
C ARG A 80 26.11 -5.93 -22.99
N LEU A 81 26.64 -4.80 -23.46
CA LEU A 81 26.10 -4.18 -24.66
C LEU A 81 26.29 -5.04 -25.90
N PHE A 82 27.47 -5.64 -26.03
CA PHE A 82 27.79 -6.45 -27.19
C PHE A 82 27.62 -7.94 -27.02
N ASP A 83 27.11 -8.36 -25.88
CA ASP A 83 26.85 -9.78 -25.66
C ASP A 83 28.08 -10.66 -25.89
N LEU A 84 29.24 -10.23 -25.40
CA LEU A 84 30.47 -11.01 -25.58
C LEU A 84 30.39 -12.37 -24.94
N GLN A 85 29.40 -12.57 -24.07
CA GLN A 85 29.22 -13.82 -23.36
C GLN A 85 28.60 -14.93 -24.19
N CYS A 86 27.85 -14.54 -25.22
CA CYS A 86 27.17 -15.53 -26.05
C CYS A 86 28.04 -16.62 -26.66
N ASN A 87 27.52 -17.83 -26.64
CA ASN A 87 28.20 -18.96 -27.25
C ASN A 87 27.27 -19.36 -28.38
N PRO A 88 27.54 -18.89 -29.61
CA PRO A 88 26.70 -19.22 -30.77
C PRO A 88 26.40 -20.70 -30.97
N GLN A 89 27.34 -21.57 -30.67
CA GLN A 89 27.10 -23.00 -30.85
C GLN A 89 25.88 -23.46 -30.02
N ILE A 90 25.78 -23.01 -28.78
CA ILE A 90 24.66 -23.40 -27.95
C ILE A 90 23.34 -22.87 -28.47
N VAL A 91 23.33 -21.58 -28.80
CA VAL A 91 22.12 -20.91 -29.27
C VAL A 91 21.66 -21.33 -30.66
N ASN A 92 22.57 -21.26 -31.63
CA ASN A 92 22.23 -21.66 -32.98
C ASN A 92 21.91 -23.14 -33.02
N GLY A 93 22.54 -23.89 -32.13
CA GLY A 93 22.29 -25.32 -32.07
C GLY A 93 20.87 -25.60 -31.62
N ALA A 94 20.39 -24.81 -30.68
CA ALA A 94 19.07 -24.97 -30.13
C ALA A 94 17.92 -24.41 -31.01
N LEU A 95 18.23 -23.40 -31.82
CA LEU A 95 17.24 -22.77 -32.69
C LEU A 95 17.18 -23.37 -34.09
N GLY A 96 18.17 -24.19 -34.43
CA GLY A 96 18.19 -24.81 -35.74
C GLY A 96 18.00 -23.82 -36.89
N ARG A 97 17.03 -24.14 -37.76
CA ARG A 97 16.72 -23.34 -38.94
C ARG A 97 16.57 -21.85 -38.71
N LEU A 98 15.78 -21.48 -37.70
CA LEU A 98 15.54 -20.08 -37.40
C LEU A 98 16.82 -19.24 -37.32
N GLY A 99 17.92 -19.86 -36.88
CA GLY A 99 19.18 -19.11 -36.77
C GLY A 99 20.25 -19.35 -37.82
N ALA A 100 20.02 -20.30 -38.72
CA ALA A 100 20.98 -20.64 -39.76
C ALA A 100 21.40 -19.50 -40.69
N ALA A 101 20.49 -18.58 -40.95
CA ALA A 101 20.79 -17.47 -41.84
C ALA A 101 21.73 -16.41 -41.29
N ARG A 102 21.82 -16.28 -39.97
CA ARG A 102 22.69 -15.28 -39.36
C ARG A 102 23.22 -15.77 -38.02
N PRO A 103 24.02 -16.85 -38.02
CA PRO A 103 24.58 -17.42 -36.80
C PRO A 103 25.42 -16.45 -35.97
N GLY A 104 25.75 -15.30 -36.54
CA GLY A 104 26.56 -14.32 -35.83
C GLY A 104 25.74 -13.36 -35.00
N LEU A 105 24.41 -13.50 -35.09
CA LEU A 105 23.46 -12.66 -34.38
C LEU A 105 23.76 -12.60 -32.88
N ARG A 106 23.67 -11.41 -32.31
CA ARG A 106 23.87 -11.22 -30.87
C ARG A 106 22.71 -10.40 -30.33
N LEU A 107 22.58 -10.36 -29.01
CA LEU A 107 21.53 -9.59 -28.37
C LEU A 107 22.08 -8.22 -28.03
N PRO A 108 21.52 -7.18 -28.65
CA PRO A 108 22.00 -5.82 -28.36
C PRO A 108 21.48 -5.41 -26.98
N GLY A 109 22.40 -5.25 -26.03
CA GLY A 109 21.98 -4.87 -24.70
C GLY A 109 21.95 -3.37 -24.51
N CYS A 110 22.51 -2.94 -23.40
CA CYS A 110 22.57 -1.53 -23.09
C CYS A 110 23.81 -1.32 -22.24
N VAL A 111 24.06 -0.06 -21.96
CA VAL A 111 25.22 0.33 -21.20
C VAL A 111 24.77 0.77 -19.78
N ASP A 112 23.47 1.03 -19.66
CA ASP A 112 22.85 1.47 -18.41
C ASP A 112 21.34 1.23 -18.42
N ALA A 113 20.86 0.36 -17.52
CA ALA A 113 19.46 0.02 -17.46
C ALA A 113 18.49 1.17 -17.34
N PHE A 114 18.88 2.26 -16.69
CA PHE A 114 17.95 3.39 -16.57
C PHE A 114 17.71 3.98 -17.96
N GLU A 115 18.81 4.23 -18.67
CA GLU A 115 18.77 4.78 -20.02
C GLU A 115 17.89 3.92 -20.91
N GLN A 116 18.07 2.60 -20.80
CA GLN A 116 17.31 1.67 -21.61
C GLN A 116 15.84 1.80 -21.28
N GLY A 117 15.55 2.06 -20.00
CA GLY A 117 14.18 2.24 -19.55
C GLY A 117 13.57 3.48 -20.17
N VAL A 118 14.34 4.56 -20.22
CA VAL A 118 13.86 5.79 -20.84
C VAL A 118 13.66 5.52 -22.34
N ARG A 119 14.62 4.81 -22.94
CA ARG A 119 14.56 4.48 -24.36
C ARG A 119 13.35 3.64 -24.73
N ALA A 120 13.08 2.60 -23.94
CA ALA A 120 11.95 1.72 -24.21
C ALA A 120 10.63 2.48 -24.20
N ILE A 121 10.42 3.31 -23.18
CA ILE A 121 9.21 4.10 -23.05
C ILE A 121 8.96 5.04 -24.24
N LEU A 122 9.99 5.78 -24.64
CA LEU A 122 9.86 6.70 -25.75
C LEU A 122 9.60 5.95 -27.05
N GLY A 123 9.97 4.67 -27.07
CA GLY A 123 9.76 3.87 -28.26
C GLY A 123 8.35 3.33 -28.38
N GLN A 124 7.46 3.76 -27.51
CA GLN A 124 6.08 3.28 -27.53
C GLN A 124 5.23 3.89 -28.63
N LEU A 125 4.63 3.02 -29.44
CA LEU A 125 3.73 3.44 -30.51
C LEU A 125 4.40 4.02 -31.76
N VAL A 126 5.47 4.78 -31.57
CA VAL A 126 6.18 5.40 -32.68
C VAL A 126 7.14 4.47 -33.41
N SER A 127 7.82 5.03 -34.40
CA SER A 127 8.78 4.27 -35.21
C SER A 127 10.13 4.25 -34.53
N VAL A 128 10.98 3.32 -34.94
CA VAL A 128 12.31 3.23 -34.38
C VAL A 128 13.05 4.53 -34.56
N ALA A 129 13.04 5.04 -35.79
CA ALA A 129 13.73 6.29 -36.06
C ALA A 129 13.07 7.46 -35.33
N MET A 130 11.76 7.41 -35.16
CA MET A 130 11.06 8.50 -34.49
C MET A 130 11.42 8.57 -33.00
N ALA A 131 11.56 7.40 -32.37
CA ALA A 131 11.91 7.34 -30.97
C ALA A 131 13.34 7.87 -30.77
N ALA A 132 14.21 7.63 -31.74
CA ALA A 132 15.59 8.12 -31.65
C ALA A 132 15.58 9.65 -31.72
N LYS A 133 14.65 10.18 -32.53
CA LYS A 133 14.51 11.61 -32.69
C LYS A 133 14.11 12.19 -31.34
N LEU A 134 13.11 11.55 -30.74
CA LEU A 134 12.60 11.98 -29.45
C LEU A 134 13.65 11.82 -28.34
N THR A 135 14.30 10.66 -28.27
CA THR A 135 15.31 10.48 -27.25
C THR A 135 16.37 11.58 -27.40
N ALA A 136 16.74 11.88 -28.64
CA ALA A 136 17.74 12.91 -28.88
C ALA A 136 17.29 14.25 -28.30
N ARG A 137 16.02 14.57 -28.47
CA ARG A 137 15.50 15.82 -27.94
C ARG A 137 15.50 15.84 -26.41
N VAL A 138 15.18 14.70 -25.79
CA VAL A 138 15.18 14.62 -24.34
C VAL A 138 16.60 14.76 -23.81
N ALA A 139 17.55 14.11 -24.49
CA ALA A 139 18.94 14.16 -24.05
C ALA A 139 19.46 15.59 -24.16
N GLN A 140 19.27 16.20 -25.32
CA GLN A 140 19.74 17.56 -25.57
C GLN A 140 19.34 18.50 -24.45
N LEU A 141 18.09 18.36 -23.98
CA LEU A 141 17.55 19.21 -22.94
C LEU A 141 17.91 18.86 -21.50
N TYR A 142 18.13 17.58 -21.21
CA TYR A 142 18.43 17.19 -19.84
C TYR A 142 19.80 16.57 -19.62
N GLY A 143 20.58 16.42 -20.68
CA GLY A 143 21.89 15.80 -20.52
C GLY A 143 23.07 16.73 -20.33
N GLU A 144 24.06 16.29 -19.55
CA GLU A 144 25.25 17.09 -19.30
C GLU A 144 26.19 16.99 -20.49
N ARG A 145 26.91 18.07 -20.75
CA ARG A 145 27.84 18.07 -21.87
C ARG A 145 29.20 17.70 -21.30
N LEU A 146 30.02 17.00 -22.08
CA LEU A 146 31.35 16.60 -21.64
C LEU A 146 32.32 17.74 -21.89
N ASP A 147 32.95 18.24 -20.82
CA ASP A 147 33.89 19.34 -20.92
C ASP A 147 34.97 19.00 -21.92
N ASP A 148 35.59 17.85 -21.71
CA ASP A 148 36.69 17.38 -22.55
C ASP A 148 36.27 17.01 -23.97
N PHE A 149 34.97 16.85 -24.20
CA PHE A 149 34.47 16.49 -25.53
C PHE A 149 33.11 17.13 -25.72
N PRO A 150 33.08 18.45 -25.96
CA PRO A 150 31.86 19.23 -26.17
C PRO A 150 30.94 18.65 -27.23
N GLU A 151 31.51 17.88 -28.14
CA GLU A 151 30.71 17.28 -29.22
C GLU A 151 29.74 16.26 -28.63
N TYR A 152 30.16 15.61 -27.55
CA TYR A 152 29.35 14.60 -26.88
C TYR A 152 28.59 15.13 -25.69
N ILE A 153 27.46 14.49 -25.41
CA ILE A 153 26.62 14.84 -24.27
C ILE A 153 26.22 13.54 -23.57
N CYS A 154 26.24 13.53 -22.24
CA CYS A 154 25.85 12.35 -21.48
C CYS A 154 24.35 12.20 -21.45
N PHE A 155 23.88 10.97 -21.48
CA PHE A 155 22.46 10.71 -21.41
C PHE A 155 21.96 11.28 -20.09
N PRO A 156 20.78 11.91 -20.09
CA PRO A 156 20.21 12.50 -18.87
C PRO A 156 20.21 11.55 -17.68
N THR A 157 20.73 12.02 -16.55
CA THR A 157 20.77 11.20 -15.34
C THR A 157 19.40 11.06 -14.70
N PRO A 158 19.27 10.08 -13.79
CA PRO A 158 18.02 9.83 -13.07
C PRO A 158 17.56 11.04 -12.25
N GLN A 159 18.51 11.67 -11.56
CA GLN A 159 18.16 12.83 -10.74
C GLN A 159 17.66 14.03 -11.55
N ARG A 160 18.16 14.21 -12.77
CA ARG A 160 17.72 15.32 -13.60
C ARG A 160 16.29 15.12 -14.12
N LEU A 161 16.03 13.98 -14.77
CA LEU A 161 14.69 13.70 -15.30
C LEU A 161 13.70 13.64 -14.15
N ALA A 162 14.20 13.34 -12.96
CA ALA A 162 13.34 13.25 -11.79
C ALA A 162 12.84 14.64 -11.47
N ALA A 163 13.70 15.64 -11.70
CA ALA A 163 13.38 17.04 -11.46
C ALA A 163 13.18 17.72 -12.81
N ALA A 164 12.15 17.31 -13.52
CA ALA A 164 11.83 17.88 -14.82
C ALA A 164 10.34 18.16 -14.90
N ASP A 165 9.98 19.19 -15.65
CA ASP A 165 8.59 19.56 -15.78
C ASP A 165 7.88 18.69 -16.83
N PRO A 166 6.82 18.00 -16.41
CA PRO A 166 6.06 17.15 -17.34
C PRO A 166 5.74 17.89 -18.62
N GLN A 167 5.36 19.16 -18.46
CA GLN A 167 4.99 19.97 -19.61
C GLN A 167 6.18 20.18 -20.55
N ALA A 168 7.37 20.35 -19.95
CA ALA A 168 8.58 20.56 -20.72
C ALA A 168 8.83 19.33 -21.61
N LEU A 169 8.73 18.14 -21.01
CA LEU A 169 8.92 16.89 -21.74
C LEU A 169 7.84 16.69 -22.78
N LYS A 170 6.61 17.06 -22.42
CA LYS A 170 5.48 16.97 -23.32
C LYS A 170 5.80 17.81 -24.56
N ALA A 171 6.35 19.00 -24.31
CA ALA A 171 6.72 19.91 -25.38
C ALA A 171 7.72 19.31 -26.36
N LEU A 172 8.49 18.32 -25.90
CA LEU A 172 9.47 17.70 -26.78
C LEU A 172 8.85 16.82 -27.87
N GLY A 173 7.60 16.40 -27.66
CA GLY A 173 6.94 15.57 -28.65
C GLY A 173 6.29 14.29 -28.15
N MET A 174 5.82 14.30 -26.90
CA MET A 174 5.17 13.14 -26.29
C MET A 174 3.98 13.56 -25.45
N PRO A 175 3.02 12.63 -25.22
CA PRO A 175 1.82 12.90 -24.41
C PRO A 175 2.21 13.23 -22.97
N LEU A 176 1.28 13.74 -22.18
CA LEU A 176 1.60 14.04 -20.80
C LEU A 176 1.90 12.72 -20.08
N LYS A 177 1.02 11.73 -20.33
CA LYS A 177 1.16 10.40 -19.74
C LYS A 177 2.55 9.79 -19.95
N ARG A 178 3.10 9.94 -21.15
CA ARG A 178 4.41 9.40 -21.45
C ARG A 178 5.47 10.05 -20.57
N ALA A 179 5.47 11.38 -20.52
CA ALA A 179 6.43 12.14 -19.73
C ALA A 179 6.30 11.83 -18.24
N GLU A 180 5.08 11.57 -17.80
CA GLU A 180 4.88 11.25 -16.39
C GLU A 180 5.56 9.94 -16.06
N ALA A 181 5.52 9.02 -17.03
CA ALA A 181 6.15 7.71 -16.86
C ALA A 181 7.67 7.88 -16.77
N LEU A 182 8.24 8.76 -17.60
CA LEU A 182 9.69 8.98 -17.57
C LEU A 182 10.13 9.43 -16.19
N ILE A 183 9.44 10.43 -15.66
CA ILE A 183 9.77 10.97 -14.35
C ILE A 183 9.60 9.93 -13.25
N HIS A 184 8.55 9.12 -13.35
CA HIS A 184 8.34 8.08 -12.36
C HIS A 184 9.57 7.16 -12.34
N LEU A 185 9.93 6.66 -13.53
CA LEU A 185 11.08 5.78 -13.69
C LEU A 185 12.33 6.38 -13.05
N ALA A 186 12.57 7.66 -13.31
CA ALA A 186 13.73 8.34 -12.74
C ALA A 186 13.78 8.17 -11.21
N ASN A 187 12.62 8.29 -10.57
CA ASN A 187 12.54 8.16 -9.13
C ASN A 187 12.84 6.74 -8.64
N ALA A 188 12.31 5.75 -9.36
CA ALA A 188 12.56 4.36 -9.03
C ALA A 188 14.08 4.16 -9.10
N ALA A 189 14.70 4.72 -10.13
CA ALA A 189 16.15 4.62 -10.31
C ALA A 189 16.89 5.27 -9.17
N LEU A 190 16.36 6.36 -8.63
CA LEU A 190 17.02 7.01 -7.53
C LEU A 190 16.91 6.18 -6.27
N GLU A 191 15.69 5.72 -5.99
CA GLU A 191 15.41 4.93 -4.81
C GLU A 191 16.05 3.55 -4.84
N GLY A 192 16.50 3.11 -6.01
CA GLY A 192 17.09 1.80 -6.15
C GLY A 192 16.00 0.76 -6.34
N THR A 193 14.88 1.19 -6.93
CA THR A 193 13.73 0.34 -7.17
C THR A 193 13.65 -0.26 -8.58
N LEU A 194 14.45 0.27 -9.50
CA LEU A 194 14.49 -0.22 -10.87
C LEU A 194 15.72 -1.12 -10.99
N PRO A 195 15.50 -2.45 -11.01
CA PRO A 195 16.61 -3.40 -11.11
C PRO A 195 17.59 -2.97 -12.22
N MET A 196 18.87 -2.82 -11.90
CA MET A 196 19.84 -2.39 -12.90
C MET A 196 20.59 -3.57 -13.51
N THR A 197 20.62 -4.69 -12.78
CA THR A 197 21.27 -5.91 -13.26
C THR A 197 20.10 -6.88 -13.39
N ILE A 198 20.28 -7.92 -14.21
CA ILE A 198 19.18 -8.87 -14.38
C ILE A 198 18.82 -9.55 -13.07
N PRO A 199 17.53 -9.58 -12.75
CA PRO A 199 17.14 -10.24 -11.49
C PRO A 199 17.03 -11.76 -11.64
N GLY A 200 17.05 -12.46 -10.51
CA GLY A 200 16.93 -13.92 -10.56
C GLY A 200 15.61 -14.40 -11.15
N ASP A 201 14.53 -13.70 -10.84
CA ASP A 201 13.20 -14.06 -11.36
C ASP A 201 12.71 -12.96 -12.28
N VAL A 202 13.08 -13.06 -13.55
CA VAL A 202 12.71 -12.08 -14.56
C VAL A 202 11.20 -11.90 -14.75
N GLU A 203 10.45 -12.99 -14.71
CA GLU A 203 9.01 -12.88 -14.91
C GLU A 203 8.36 -12.07 -13.79
N GLN A 204 8.77 -12.33 -12.57
CA GLN A 204 8.21 -11.63 -11.42
C GLN A 204 8.61 -10.17 -11.49
N ALA A 205 9.88 -9.91 -11.71
CA ALA A 205 10.38 -8.53 -11.77
C ALA A 205 9.69 -7.73 -12.85
N MET A 206 9.27 -8.40 -13.93
CA MET A 206 8.57 -7.72 -15.00
C MET A 206 7.15 -7.38 -14.59
N LYS A 207 6.55 -8.25 -13.79
CA LYS A 207 5.18 -8.04 -13.31
C LYS A 207 5.19 -6.79 -12.42
N THR A 208 6.19 -6.68 -11.57
CA THR A 208 6.36 -5.54 -10.67
C THR A 208 6.56 -4.29 -11.52
N LEU A 209 7.41 -4.42 -12.54
CA LEU A 209 7.71 -3.32 -13.45
C LEU A 209 6.43 -2.80 -14.10
N GLN A 210 5.48 -3.71 -14.33
CA GLN A 210 4.22 -3.35 -14.96
C GLN A 210 3.24 -2.54 -14.08
N THR A 211 3.53 -2.43 -12.80
CA THR A 211 2.66 -1.65 -11.93
C THR A 211 3.02 -0.19 -12.18
N PHE A 212 4.29 0.04 -12.53
CA PHE A 212 4.78 1.39 -12.85
C PHE A 212 3.81 2.03 -13.85
N PRO A 213 3.58 3.34 -13.73
CA PRO A 213 2.65 3.95 -14.69
C PRO A 213 3.33 4.22 -16.04
N GLY A 214 2.61 3.93 -17.12
CA GLY A 214 3.15 4.13 -18.45
C GLY A 214 3.93 2.92 -18.94
N ILE A 215 4.03 1.89 -18.10
CA ILE A 215 4.77 0.70 -18.48
C ILE A 215 3.89 -0.54 -18.56
N GLY A 216 3.52 -0.93 -19.78
CA GLY A 216 2.67 -2.10 -19.98
C GLY A 216 3.50 -3.36 -20.23
N ARG A 217 2.86 -4.42 -20.69
CA ARG A 217 3.54 -5.67 -20.95
C ARG A 217 4.61 -5.59 -22.05
N TRP A 218 4.35 -4.78 -23.08
CA TRP A 218 5.34 -4.63 -24.15
C TRP A 218 6.61 -3.98 -23.61
N THR A 219 6.44 -2.85 -22.95
CA THR A 219 7.56 -2.11 -22.38
C THR A 219 8.39 -2.92 -21.36
N ALA A 220 7.73 -3.70 -20.52
CA ALA A 220 8.44 -4.47 -19.52
C ALA A 220 9.24 -5.59 -20.16
N ASN A 221 8.70 -6.13 -21.25
CA ASN A 221 9.39 -7.21 -21.97
C ASN A 221 10.59 -6.66 -22.74
N TYR A 222 10.36 -5.63 -23.55
CA TYR A 222 11.44 -5.04 -24.34
C TYR A 222 12.55 -4.60 -23.40
N PHE A 223 12.16 -4.00 -22.27
CA PHE A 223 13.13 -3.54 -21.27
C PHE A 223 13.89 -4.72 -20.63
N ALA A 224 13.20 -5.83 -20.38
CA ALA A 224 13.86 -6.98 -19.80
C ALA A 224 14.89 -7.50 -20.80
N LEU A 225 14.52 -7.46 -22.07
CA LEU A 225 15.39 -7.96 -23.14
C LEU A 225 16.65 -7.14 -23.37
N ARG A 226 16.48 -5.82 -23.49
CA ARG A 226 17.60 -4.92 -23.71
C ARG A 226 18.27 -4.40 -22.43
N GLY A 227 17.44 -4.06 -21.44
CA GLY A 227 17.96 -3.52 -20.20
C GLY A 227 18.56 -4.55 -19.27
N TRP A 228 18.08 -5.79 -19.34
CA TRP A 228 18.63 -6.84 -18.50
C TRP A 228 19.32 -7.89 -19.34
N GLN A 229 19.13 -7.82 -20.65
CA GLN A 229 19.67 -8.81 -21.56
C GLN A 229 19.11 -10.16 -21.17
N ALA A 230 17.84 -10.17 -20.76
CA ALA A 230 17.18 -11.41 -20.40
C ALA A 230 17.14 -12.21 -21.69
N LYS A 231 17.64 -13.43 -21.68
CA LYS A 231 17.71 -14.21 -22.90
C LYS A 231 16.50 -15.05 -23.29
N ASP A 232 15.48 -15.10 -22.46
CA ASP A 232 14.32 -15.94 -22.77
C ASP A 232 12.96 -15.23 -22.72
N VAL A 233 12.84 -14.10 -23.42
CA VAL A 233 11.59 -13.37 -23.45
C VAL A 233 11.18 -13.04 -24.89
N PHE A 234 9.93 -13.32 -25.23
CA PHE A 234 9.45 -13.01 -26.56
C PHE A 234 8.59 -11.76 -26.47
N LEU A 235 8.37 -11.11 -27.61
CA LEU A 235 7.56 -9.90 -27.65
C LEU A 235 6.33 -10.15 -28.50
N PRO A 236 5.34 -10.86 -27.95
CA PRO A 236 4.08 -11.20 -28.62
C PRO A 236 3.17 -10.01 -28.85
N ASP A 237 3.52 -8.86 -28.29
CA ASP A 237 2.71 -7.67 -28.46
C ASP A 237 3.37 -6.69 -29.43
N ASP A 238 4.59 -7.02 -29.85
CA ASP A 238 5.33 -6.15 -30.76
C ASP A 238 4.63 -5.94 -32.07
N TYR A 239 4.83 -4.77 -32.65
CA TYR A 239 4.21 -4.42 -33.93
C TYR A 239 4.65 -5.37 -35.04
N LEU A 240 5.96 -5.38 -35.32
CA LEU A 240 6.52 -6.22 -36.37
C LEU A 240 6.23 -7.71 -36.12
N ILE A 241 6.24 -8.10 -34.86
CA ILE A 241 5.98 -9.49 -34.53
C ILE A 241 4.57 -9.90 -34.93
N LYS A 242 3.61 -8.99 -34.77
CA LYS A 242 2.23 -9.28 -35.13
C LYS A 242 2.11 -9.53 -36.64
N GLN A 243 3.04 -8.95 -37.40
CA GLN A 243 3.04 -9.10 -38.84
C GLN A 243 3.73 -10.37 -39.31
N ARG A 244 4.64 -10.88 -38.48
CA ARG A 244 5.37 -12.10 -38.80
C ARG A 244 4.48 -13.28 -38.46
N PHE A 245 3.45 -13.02 -37.66
CA PHE A 245 2.48 -14.04 -37.28
C PHE A 245 1.12 -13.52 -37.72
N PRO A 246 0.92 -13.38 -39.05
CA PRO A 246 -0.33 -12.89 -39.64
C PRO A 246 -1.60 -13.48 -39.03
N GLY A 247 -2.38 -12.62 -38.39
CA GLY A 247 -3.62 -13.08 -37.77
C GLY A 247 -3.37 -14.09 -36.67
N MET A 248 -2.90 -13.59 -35.53
CA MET A 248 -2.62 -14.43 -34.36
C MET A 248 -2.67 -13.58 -33.11
N THR A 249 -3.46 -14.01 -32.13
CA THR A 249 -3.59 -13.26 -30.89
C THR A 249 -2.33 -13.46 -30.06
N PRO A 250 -1.94 -12.41 -29.33
CA PRO A 250 -0.76 -12.41 -28.46
C PRO A 250 -0.51 -13.74 -27.73
N ALA A 251 -1.56 -14.31 -27.14
CA ALA A 251 -1.40 -15.57 -26.43
C ALA A 251 -1.01 -16.70 -27.38
N GLN A 252 -1.47 -16.61 -28.63
CA GLN A 252 -1.13 -17.62 -29.63
C GLN A 252 0.37 -17.53 -29.92
N ILE A 253 0.81 -16.33 -30.28
CA ILE A 253 2.21 -16.09 -30.57
C ILE A 253 3.08 -16.55 -29.39
N ARG A 254 2.66 -16.23 -28.17
CA ARG A 254 3.42 -16.64 -26.99
C ARG A 254 3.45 -18.17 -26.88
N ARG A 255 2.33 -18.81 -27.20
CA ARG A 255 2.32 -20.27 -27.13
C ARG A 255 3.26 -20.81 -28.18
N TYR A 256 3.20 -20.25 -29.39
CA TYR A 256 4.08 -20.69 -30.48
C TYR A 256 5.55 -20.46 -30.10
N ALA A 257 5.85 -19.27 -29.61
CA ALA A 257 7.21 -18.89 -29.23
C ALA A 257 7.83 -19.79 -28.15
N GLU A 258 7.03 -20.67 -27.56
CA GLU A 258 7.53 -21.54 -26.50
C GLU A 258 8.47 -22.63 -26.98
N ARG A 259 8.43 -22.93 -28.27
CA ARG A 259 9.30 -23.95 -28.83
C ARG A 259 10.75 -23.50 -28.80
N TRP A 260 10.96 -22.20 -28.60
CA TRP A 260 12.30 -21.63 -28.59
C TRP A 260 12.96 -21.48 -27.23
N LYS A 261 12.28 -21.95 -26.18
CA LYS A 261 12.82 -21.86 -24.82
C LYS A 261 14.13 -22.66 -24.81
N PRO A 262 15.14 -22.21 -24.04
CA PRO A 262 15.19 -21.03 -23.17
C PRO A 262 15.91 -19.84 -23.84
N TRP A 263 15.82 -19.76 -25.16
CA TRP A 263 16.48 -18.67 -25.87
C TRP A 263 15.48 -17.85 -26.68
N ARG A 264 14.29 -17.68 -26.14
CA ARG A 264 13.27 -16.91 -26.87
C ARG A 264 13.75 -15.53 -27.32
N SER A 265 14.56 -14.88 -26.50
CA SER A 265 15.06 -13.56 -26.84
C SER A 265 15.78 -13.59 -28.18
N TYR A 266 16.60 -14.60 -28.39
CA TYR A 266 17.34 -14.74 -29.64
C TYR A 266 16.41 -15.08 -30.80
N ALA A 267 15.41 -15.92 -30.57
CA ALA A 267 14.48 -16.27 -31.63
C ALA A 267 13.77 -15.00 -32.09
N LEU A 268 13.39 -14.18 -31.12
CA LEU A 268 12.71 -12.92 -31.40
C LEU A 268 13.52 -12.10 -32.38
N LEU A 269 14.80 -11.94 -32.09
CA LEU A 269 15.70 -11.17 -32.94
C LEU A 269 15.81 -11.73 -34.37
N HIS A 270 15.87 -13.06 -34.48
CA HIS A 270 15.97 -13.71 -35.79
C HIS A 270 14.71 -13.49 -36.62
N ILE A 271 13.56 -13.48 -35.96
CA ILE A 271 12.30 -13.28 -36.64
C ILE A 271 12.20 -11.84 -37.12
N TRP A 272 12.53 -10.89 -36.24
CA TRP A 272 12.51 -9.49 -36.63
C TRP A 272 13.35 -9.29 -37.87
N TYR A 273 14.46 -10.02 -37.95
CA TYR A 273 15.37 -9.88 -39.08
C TYR A 273 15.37 -10.93 -40.18
N THR A 274 14.24 -11.60 -40.35
CA THR A 274 14.09 -12.57 -41.41
C THR A 274 12.92 -12.05 -42.21
N GLU A 275 13.26 -11.32 -43.27
CA GLU A 275 12.29 -10.67 -44.14
C GLU A 275 11.02 -11.46 -44.48
N GLY A 276 11.17 -12.67 -44.99
CA GLY A 276 10.01 -13.46 -45.36
C GLY A 276 9.65 -14.61 -44.43
N TRP A 277 10.03 -14.50 -43.16
CA TRP A 277 9.73 -15.56 -42.22
C TRP A 277 8.23 -15.75 -42.11
N GLN A 278 7.82 -16.97 -41.84
CA GLN A 278 6.40 -17.27 -41.67
C GLN A 278 6.29 -18.52 -40.81
N PRO A 279 5.31 -18.56 -39.90
CA PRO A 279 5.15 -19.73 -39.04
C PRO A 279 5.09 -21.01 -39.87
N ASP A 280 5.58 -22.11 -39.29
CA ASP A 280 5.62 -23.40 -39.98
C ASP A 280 4.28 -23.77 -40.63
N GLU A 281 4.36 -24.20 -41.88
CA GLU A 281 3.17 -24.64 -42.59
C GLU A 281 2.92 -26.04 -42.04
N ALA A 282 2.28 -26.12 -40.88
CA ALA A 282 2.01 -27.40 -40.26
C ALA A 282 0.52 -27.61 -40.06
N MET B 1 -47.16 0.31 20.52
CA MET B 1 -46.49 1.28 21.46
C MET B 1 -46.00 2.54 20.73
N TYR B 2 -44.88 2.41 20.02
CA TYR B 2 -44.30 3.51 19.26
C TYR B 2 -44.95 3.59 17.89
N THR B 3 -44.97 4.77 17.31
CA THR B 3 -45.57 4.92 16.01
C THR B 3 -44.71 5.71 15.01
N LEU B 4 -44.62 5.18 13.81
CA LEU B 4 -43.85 5.81 12.76
C LEU B 4 -44.77 6.01 11.57
N ASN B 5 -44.63 7.14 10.90
CA ASN B 5 -45.48 7.43 9.75
C ASN B 5 -44.88 6.91 8.45
N TRP B 6 -45.69 6.97 7.40
CA TRP B 6 -45.28 6.57 6.07
C TRP B 6 -46.31 7.21 5.13
N GLN B 7 -45.87 7.59 3.93
CA GLN B 7 -46.77 8.20 2.96
C GLN B 7 -47.31 7.09 2.05
N PRO B 8 -48.61 7.11 1.77
CA PRO B 8 -49.28 6.13 0.91
C PRO B 8 -48.96 6.34 -0.57
N PRO B 9 -49.11 5.31 -1.40
CA PRO B 9 -49.57 3.96 -0.99
C PRO B 9 -48.39 3.12 -0.51
N TYR B 10 -48.70 2.06 0.24
CA TYR B 10 -47.69 1.14 0.75
C TYR B 10 -48.25 -0.27 0.66
N ASP B 11 -47.63 -1.07 -0.21
CA ASP B 11 -48.05 -2.44 -0.45
C ASP B 11 -47.52 -3.38 0.62
N TRP B 12 -48.17 -3.41 1.77
CA TRP B 12 -47.76 -4.26 2.87
C TRP B 12 -47.83 -5.74 2.54
N SER B 13 -48.80 -6.09 1.71
CA SER B 13 -48.96 -7.47 1.30
C SER B 13 -47.64 -7.95 0.70
N TRP B 14 -47.13 -7.17 -0.26
CA TRP B 14 -45.89 -7.51 -0.92
C TRP B 14 -44.67 -7.52 0.01
N MET B 15 -44.46 -6.42 0.72
CA MET B 15 -43.33 -6.32 1.65
C MET B 15 -43.21 -7.52 2.58
N LEU B 16 -44.30 -7.87 3.25
CA LEU B 16 -44.31 -9.00 4.16
C LEU B 16 -44.08 -10.29 3.39
N GLY B 17 -44.60 -10.36 2.17
CA GLY B 17 -44.41 -11.55 1.37
C GLY B 17 -42.95 -11.70 1.06
N PHE B 18 -42.28 -10.57 0.82
CA PHE B 18 -40.86 -10.57 0.51
C PHE B 18 -40.06 -11.05 1.72
N LEU B 19 -40.23 -10.39 2.85
CA LEU B 19 -39.52 -10.77 4.07
C LEU B 19 -39.90 -12.18 4.57
N ALA B 20 -41.15 -12.56 4.37
CA ALA B 20 -41.60 -13.88 4.83
C ALA B 20 -40.89 -15.04 4.14
N ALA B 21 -40.66 -14.94 2.83
CA ALA B 21 -39.99 -16.01 2.14
C ALA B 21 -38.54 -16.11 2.60
N ARG B 22 -37.93 -14.98 2.93
CA ARG B 22 -36.55 -14.98 3.35
C ARG B 22 -36.36 -15.03 4.87
N ALA B 23 -37.45 -15.27 5.59
CA ALA B 23 -37.41 -15.30 7.04
C ALA B 23 -36.53 -16.43 7.57
N VAL B 24 -35.78 -16.12 8.62
CA VAL B 24 -34.89 -17.07 9.26
C VAL B 24 -35.48 -17.55 10.59
N SER B 25 -35.80 -18.84 10.65
CA SER B 25 -36.38 -19.44 11.84
C SER B 25 -35.63 -19.06 13.10
N SER B 26 -36.38 -18.82 14.17
CA SER B 26 -35.82 -18.44 15.45
C SER B 26 -35.31 -17.01 15.48
N VAL B 27 -35.13 -16.41 14.31
CA VAL B 27 -34.65 -15.03 14.28
C VAL B 27 -35.84 -14.11 14.07
N GLU B 28 -36.68 -14.46 13.10
CA GLU B 28 -37.81 -13.61 12.80
C GLU B 28 -39.09 -14.38 12.50
N THR B 29 -40.22 -13.72 12.75
CA THR B 29 -41.53 -14.30 12.48
C THR B 29 -42.26 -13.32 11.58
N VAL B 30 -42.95 -13.82 10.57
CA VAL B 30 -43.68 -12.96 9.67
C VAL B 30 -45.09 -13.49 9.52
N ALA B 31 -46.07 -12.60 9.53
CA ALA B 31 -47.47 -13.00 9.39
C ALA B 31 -48.20 -12.01 8.50
N ASP B 32 -49.46 -12.28 8.22
CA ASP B 32 -50.25 -11.39 7.38
C ASP B 32 -50.36 -9.98 7.93
N SER B 33 -50.40 -9.86 9.25
CA SER B 33 -50.57 -8.57 9.88
C SER B 33 -49.41 -8.00 10.67
N TYR B 34 -48.31 -8.73 10.75
CA TYR B 34 -47.16 -8.21 11.48
C TYR B 34 -45.84 -8.88 11.14
N TYR B 35 -44.78 -8.32 11.69
CA TYR B 35 -43.42 -8.79 11.49
C TYR B 35 -42.75 -8.71 12.86
N ALA B 36 -41.84 -9.63 13.15
CA ALA B 36 -41.13 -9.60 14.43
C ALA B 36 -39.81 -10.36 14.40
N ARG B 37 -38.86 -9.89 15.18
CA ARG B 37 -37.58 -10.54 15.24
C ARG B 37 -36.80 -10.17 16.48
N SER B 38 -35.75 -10.94 16.72
CA SER B 38 -34.86 -10.71 17.84
C SER B 38 -34.08 -9.46 17.45
N LEU B 39 -33.54 -8.76 18.43
CA LEU B 39 -32.79 -7.58 18.09
C LEU B 39 -31.73 -7.27 19.14
N ALA B 40 -30.51 -7.07 18.68
CA ALA B 40 -29.41 -6.76 19.58
C ALA B 40 -28.79 -5.41 19.22
N VAL B 41 -28.84 -4.49 20.18
CA VAL B 41 -28.26 -3.16 20.01
C VAL B 41 -27.32 -3.06 21.19
N GLY B 42 -26.05 -3.39 20.94
CA GLY B 42 -25.05 -3.36 22.00
C GLY B 42 -25.36 -4.51 22.95
N GLU B 43 -25.36 -4.23 24.25
CA GLU B 43 -25.64 -5.27 25.23
C GLU B 43 -27.12 -5.35 25.54
N TYR B 44 -27.95 -4.76 24.68
CA TYR B 44 -29.39 -4.80 24.88
C TYR B 44 -30.00 -5.78 23.91
N ARG B 45 -30.91 -6.60 24.40
CA ARG B 45 -31.55 -7.59 23.54
C ARG B 45 -33.05 -7.65 23.75
N GLY B 46 -33.77 -8.18 22.76
CA GLY B 46 -35.20 -8.27 22.88
C GLY B 46 -35.89 -8.61 21.58
N VAL B 47 -37.20 -8.44 21.56
CA VAL B 47 -37.96 -8.74 20.37
C VAL B 47 -38.68 -7.49 19.91
N VAL B 48 -38.62 -7.23 18.60
CA VAL B 48 -39.28 -6.09 18.03
C VAL B 48 -40.49 -6.58 17.27
N THR B 49 -41.61 -5.88 17.39
CA THR B 49 -42.82 -6.29 16.69
C THR B 49 -43.35 -5.11 15.93
N ALA B 50 -43.56 -5.30 14.63
CA ALA B 50 -44.06 -4.23 13.79
C ALA B 50 -45.42 -4.60 13.23
N ILE B 51 -46.38 -3.71 13.43
CA ILE B 51 -47.75 -3.92 12.99
C ILE B 51 -48.23 -2.74 12.15
N PRO B 52 -48.39 -2.92 10.84
CA PRO B 52 -48.86 -1.76 10.07
C PRO B 52 -50.31 -1.44 10.36
N ASP B 53 -50.63 -0.15 10.26
CA ASP B 53 -51.97 0.35 10.47
C ASP B 53 -52.33 1.11 9.19
N ILE B 54 -52.99 0.43 8.27
CA ILE B 54 -53.37 1.04 7.00
C ILE B 54 -54.31 2.24 7.17
N ALA B 55 -55.18 2.16 8.16
CA ALA B 55 -56.14 3.22 8.44
C ALA B 55 -55.45 4.56 8.71
N ARG B 56 -54.46 4.54 9.61
CA ARG B 56 -53.73 5.75 9.96
C ARG B 56 -52.48 6.05 9.11
N HIS B 57 -52.14 5.15 8.18
CA HIS B 57 -50.95 5.31 7.32
C HIS B 57 -49.79 5.33 8.30
N THR B 58 -49.72 4.31 9.14
CA THR B 58 -48.72 4.31 10.18
C THR B 58 -48.15 2.92 10.54
N LEU B 59 -47.00 2.88 11.18
CA LEU B 59 -46.45 1.60 11.60
C LEU B 59 -46.28 1.58 13.13
N HIS B 60 -46.84 0.57 13.76
CA HIS B 60 -46.71 0.46 15.20
C HIS B 60 -45.60 -0.50 15.53
N ILE B 61 -44.70 -0.06 16.40
CA ILE B 61 -43.57 -0.85 16.83
C ILE B 61 -43.65 -1.13 18.32
N ASN B 62 -43.39 -2.37 18.69
CA ASN B 62 -43.39 -2.72 20.09
C ASN B 62 -42.05 -3.34 20.47
N LEU B 63 -41.45 -2.87 21.55
CA LEU B 63 -40.17 -3.38 22.02
C LEU B 63 -40.25 -4.13 23.37
N SER B 64 -39.67 -5.33 23.42
CA SER B 64 -39.64 -6.08 24.68
C SER B 64 -38.78 -5.24 25.64
N ALA B 65 -39.02 -5.42 26.94
CA ALA B 65 -38.32 -4.67 27.99
C ALA B 65 -36.84 -4.43 27.85
N GLY B 66 -36.12 -5.35 27.22
CA GLY B 66 -34.68 -5.21 27.08
C GLY B 66 -34.16 -4.27 26.01
N LEU B 67 -35.04 -3.73 25.17
CA LEU B 67 -34.60 -2.82 24.13
C LEU B 67 -35.02 -1.36 24.35
N GLU B 68 -35.67 -1.09 25.48
CA GLU B 68 -36.12 0.26 25.78
C GLU B 68 -35.01 1.32 25.93
N PRO B 69 -33.87 0.95 26.52
CA PRO B 69 -32.79 1.93 26.68
C PRO B 69 -32.26 2.47 25.36
N VAL B 70 -32.50 1.72 24.30
CA VAL B 70 -32.06 2.10 22.97
C VAL B 70 -33.24 2.02 22.01
N ALA B 71 -34.39 2.48 22.47
CA ALA B 71 -35.59 2.45 21.66
C ALA B 71 -35.46 3.19 20.31
N ALA B 72 -35.02 4.43 20.35
CA ALA B 72 -34.89 5.22 19.12
C ALA B 72 -34.04 4.52 18.06
N GLU B 73 -32.92 3.92 18.47
CA GLU B 73 -32.08 3.23 17.51
C GLU B 73 -32.89 2.05 16.94
N CYS B 74 -33.70 1.42 17.77
CA CYS B 74 -34.54 0.30 17.32
C CYS B 74 -35.55 0.81 16.29
N LEU B 75 -36.17 1.95 16.60
CA LEU B 75 -37.14 2.55 15.69
C LEU B 75 -36.46 2.87 14.35
N ALA B 76 -35.26 3.45 14.42
CA ALA B 76 -34.51 3.79 13.21
C ALA B 76 -34.20 2.54 12.41
N LYS B 77 -33.90 1.43 13.08
CA LYS B 77 -33.63 0.20 12.37
C LYS B 77 -34.89 -0.23 11.62
N MET B 78 -36.04 -0.15 12.28
CA MET B 78 -37.27 -0.54 11.64
C MET B 78 -37.59 0.38 10.45
N SER B 79 -37.25 1.66 10.56
CA SER B 79 -37.55 2.57 9.45
C SER B 79 -36.71 2.29 8.21
N ARG B 80 -35.49 1.79 8.41
CA ARG B 80 -34.64 1.47 7.27
C ARG B 80 -35.07 0.14 6.65
N LEU B 81 -35.62 -0.75 7.48
CA LEU B 81 -36.09 -2.04 6.98
C LEU B 81 -37.39 -1.91 6.19
N PHE B 82 -38.27 -1.02 6.61
CA PHE B 82 -39.53 -0.84 5.91
C PHE B 82 -39.58 0.35 4.97
N ASP B 83 -38.45 1.02 4.82
CA ASP B 83 -38.36 2.12 3.87
C ASP B 83 -39.46 3.16 4.05
N LEU B 84 -39.72 3.53 5.30
CA LEU B 84 -40.76 4.50 5.62
C LEU B 84 -40.51 5.86 5.00
N GLN B 85 -39.26 6.13 4.62
CA GLN B 85 -38.89 7.43 4.06
C GLN B 85 -39.41 7.64 2.65
N CYS B 86 -39.60 6.56 1.94
CA CYS B 86 -40.04 6.66 0.55
C CYS B 86 -41.26 7.54 0.27
N ASN B 87 -41.14 8.33 -0.78
CA ASN B 87 -42.21 9.19 -1.24
C ASN B 87 -42.59 8.54 -2.57
N PRO B 88 -43.61 7.69 -2.57
CA PRO B 88 -44.02 7.02 -3.81
C PRO B 88 -44.36 7.91 -5.00
N GLN B 89 -44.85 9.10 -4.74
CA GLN B 89 -45.21 9.99 -5.85
C GLN B 89 -43.96 10.39 -6.62
N ILE B 90 -42.85 10.55 -5.91
CA ILE B 90 -41.58 10.94 -6.54
C ILE B 90 -41.02 9.77 -7.35
N VAL B 91 -40.83 8.64 -6.70
CA VAL B 91 -40.29 7.47 -7.36
C VAL B 91 -41.16 7.02 -8.53
N ASN B 92 -42.47 7.14 -8.38
CA ASN B 92 -43.37 6.74 -9.47
C ASN B 92 -43.51 7.85 -10.49
N GLY B 93 -43.11 9.06 -10.13
CA GLY B 93 -43.17 10.13 -11.10
C GLY B 93 -42.09 9.71 -12.08
N ALA B 94 -40.89 9.54 -11.56
CA ALA B 94 -39.75 9.14 -12.36
C ALA B 94 -39.97 7.83 -13.11
N LEU B 95 -40.09 6.73 -12.38
CA LEU B 95 -40.27 5.42 -13.00
C LEU B 95 -41.35 5.36 -14.08
N GLY B 96 -42.33 6.24 -13.99
CA GLY B 96 -43.39 6.22 -14.98
C GLY B 96 -44.17 4.92 -15.02
N ARG B 97 -44.37 4.42 -16.23
CA ARG B 97 -45.14 3.20 -16.45
C ARG B 97 -44.69 1.96 -15.68
N LEU B 98 -43.38 1.74 -15.65
CA LEU B 98 -42.79 0.59 -14.99
C LEU B 98 -43.35 0.22 -13.62
N GLY B 99 -43.64 1.23 -12.80
CA GLY B 99 -44.18 0.94 -11.48
C GLY B 99 -45.63 1.33 -11.35
N ALA B 100 -46.29 1.59 -12.48
CA ALA B 100 -47.68 1.99 -12.46
C ALA B 100 -48.57 0.90 -11.87
N ALA B 101 -48.17 -0.34 -12.05
CA ALA B 101 -48.93 -1.50 -11.58
C ALA B 101 -48.85 -1.79 -10.08
N ARG B 102 -47.84 -1.24 -9.40
CA ARG B 102 -47.67 -1.45 -7.98
C ARG B 102 -47.04 -0.20 -7.36
N PRO B 103 -47.77 0.92 -7.40
CA PRO B 103 -47.24 2.17 -6.84
C PRO B 103 -46.77 2.08 -5.39
N GLY B 104 -47.18 1.02 -4.70
CA GLY B 104 -46.81 0.85 -3.31
C GLY B 104 -45.58 0.02 -3.01
N LEU B 105 -44.77 -0.23 -4.03
CA LEU B 105 -43.53 -1.00 -3.90
C LEU B 105 -42.54 -0.26 -2.98
N ARG B 106 -41.81 -0.99 -2.14
CA ARG B 106 -40.82 -0.37 -1.25
C ARG B 106 -39.52 -1.16 -1.30
N LEU B 107 -38.43 -0.53 -0.88
CA LEU B 107 -37.14 -1.22 -0.88
C LEU B 107 -36.92 -1.96 0.45
N PRO B 108 -37.03 -3.29 0.44
CA PRO B 108 -36.83 -4.06 1.67
C PRO B 108 -35.40 -3.86 2.10
N GLY B 109 -35.21 -3.27 3.28
CA GLY B 109 -33.86 -3.01 3.74
C GLY B 109 -33.37 -4.08 4.68
N CYS B 110 -32.73 -3.65 5.76
CA CYS B 110 -32.21 -4.59 6.72
C CYS B 110 -32.10 -3.84 8.01
N VAL B 111 -31.88 -4.57 9.10
CA VAL B 111 -31.75 -3.94 10.40
C VAL B 111 -30.28 -3.85 10.85
N ASP B 112 -29.38 -4.43 10.06
CA ASP B 112 -27.93 -4.44 10.33
C ASP B 112 -27.19 -4.87 9.04
N ALA B 113 -26.27 -4.02 8.59
CA ALA B 113 -25.52 -4.30 7.38
C ALA B 113 -24.70 -5.59 7.48
N PHE B 114 -24.13 -5.85 8.66
CA PHE B 114 -23.34 -7.05 8.79
C PHE B 114 -24.22 -8.25 8.50
N GLU B 115 -25.33 -8.36 9.22
CA GLU B 115 -26.26 -9.46 9.02
C GLU B 115 -26.58 -9.54 7.55
N GLN B 116 -26.86 -8.38 6.96
CA GLN B 116 -27.22 -8.33 5.55
C GLN B 116 -26.08 -8.80 4.66
N GLY B 117 -24.85 -8.56 5.09
CA GLY B 117 -23.72 -9.02 4.31
C GLY B 117 -23.71 -10.55 4.37
N VAL B 118 -23.84 -11.07 5.60
CA VAL B 118 -23.86 -12.50 5.79
C VAL B 118 -24.98 -13.10 4.97
N ARG B 119 -26.16 -12.49 5.03
CA ARG B 119 -27.30 -13.00 4.28
C ARG B 119 -27.02 -12.99 2.80
N ALA B 120 -26.45 -11.88 2.33
CA ALA B 120 -26.12 -11.72 0.92
C ALA B 120 -25.22 -12.87 0.46
N ILE B 121 -24.27 -13.22 1.32
CA ILE B 121 -23.35 -14.30 1.00
C ILE B 121 -24.04 -15.67 1.04
N LEU B 122 -24.57 -16.05 2.20
CA LEU B 122 -25.22 -17.33 2.32
C LEU B 122 -26.28 -17.55 1.26
N GLY B 123 -26.77 -16.46 0.69
CA GLY B 123 -27.78 -16.59 -0.34
C GLY B 123 -27.21 -16.59 -1.74
N GLN B 124 -25.92 -16.94 -1.88
CA GLN B 124 -25.30 -16.96 -3.19
C GLN B 124 -25.49 -18.30 -3.89
N LEU B 125 -25.83 -18.20 -5.17
CA LEU B 125 -26.00 -19.38 -6.01
C LEU B 125 -26.92 -20.47 -5.42
N VAL B 126 -27.89 -20.06 -4.61
CA VAL B 126 -28.85 -21.02 -4.03
C VAL B 126 -30.25 -20.45 -4.18
N SER B 127 -31.25 -21.12 -3.61
CA SER B 127 -32.63 -20.66 -3.71
C SER B 127 -33.02 -19.91 -2.43
N VAL B 128 -33.95 -18.98 -2.58
CA VAL B 128 -34.43 -18.19 -1.45
C VAL B 128 -34.64 -19.10 -0.24
N ALA B 129 -35.44 -20.16 -0.44
CA ALA B 129 -35.75 -21.13 0.61
C ALA B 129 -34.51 -21.77 1.24
N MET B 130 -33.54 -22.13 0.40
CA MET B 130 -32.33 -22.77 0.90
C MET B 130 -31.48 -21.84 1.75
N ALA B 131 -31.30 -20.61 1.27
CA ALA B 131 -30.52 -19.61 1.99
C ALA B 131 -31.10 -19.42 3.38
N ALA B 132 -32.43 -19.44 3.46
CA ALA B 132 -33.14 -19.25 4.72
C ALA B 132 -32.80 -20.33 5.71
N LYS B 133 -32.85 -21.58 5.26
CA LYS B 133 -32.53 -22.71 6.14
C LYS B 133 -31.03 -22.73 6.41
N LEU B 134 -30.23 -22.37 5.40
CA LEU B 134 -28.80 -22.37 5.59
C LEU B 134 -28.42 -21.30 6.60
N THR B 135 -28.95 -20.10 6.43
CA THR B 135 -28.67 -19.01 7.36
C THR B 135 -29.13 -19.34 8.77
N ALA B 136 -30.28 -19.98 8.87
CA ALA B 136 -30.84 -20.36 10.18
C ALA B 136 -29.89 -21.28 10.93
N ARG B 137 -29.27 -22.21 10.22
CA ARG B 137 -28.34 -23.13 10.85
C ARG B 137 -27.21 -22.33 11.46
N VAL B 138 -26.76 -21.31 10.72
CA VAL B 138 -25.67 -20.45 11.19
C VAL B 138 -26.12 -19.64 12.39
N ALA B 139 -27.35 -19.12 12.30
CA ALA B 139 -27.89 -18.32 13.39
C ALA B 139 -27.87 -19.13 14.66
N GLN B 140 -28.38 -20.34 14.57
CA GLN B 140 -28.47 -21.23 15.73
C GLN B 140 -27.13 -21.64 16.30
N LEU B 141 -26.24 -22.05 15.42
CA LEU B 141 -24.91 -22.50 15.80
C LEU B 141 -24.00 -21.42 16.39
N TYR B 142 -24.35 -20.16 16.20
CA TYR B 142 -23.51 -19.07 16.71
C TYR B 142 -24.26 -17.88 17.31
N GLY B 143 -25.53 -18.06 17.65
CA GLY B 143 -26.30 -16.95 18.17
C GLY B 143 -26.40 -16.74 19.68
N GLU B 144 -27.24 -15.77 20.02
CA GLU B 144 -27.53 -15.40 21.40
C GLU B 144 -29.02 -15.68 21.57
N ARG B 145 -29.35 -16.45 22.59
CA ARG B 145 -30.73 -16.79 22.85
C ARG B 145 -31.27 -15.82 23.89
N LEU B 146 -32.44 -15.25 23.63
CA LEU B 146 -33.04 -14.31 24.57
C LEU B 146 -33.61 -15.09 25.76
N ASP B 147 -33.32 -14.65 26.98
CA ASP B 147 -33.84 -15.35 28.15
C ASP B 147 -35.36 -15.15 28.30
N ASP B 148 -35.84 -13.95 27.99
CA ASP B 148 -37.26 -13.67 28.13
C ASP B 148 -38.13 -14.22 27.01
N PHE B 149 -37.49 -14.69 25.93
CA PHE B 149 -38.21 -15.20 24.77
C PHE B 149 -37.37 -16.29 24.11
N PRO B 150 -37.27 -17.44 24.78
CA PRO B 150 -36.55 -18.65 24.44
C PRO B 150 -36.57 -19.12 23.00
N GLU B 151 -37.66 -18.92 22.29
CA GLU B 151 -37.67 -19.41 20.91
C GLU B 151 -37.01 -18.43 19.94
N TYR B 152 -36.50 -17.33 20.46
CA TYR B 152 -35.83 -16.32 19.67
C TYR B 152 -34.33 -16.22 19.93
N ILE B 153 -33.56 -16.19 18.84
CA ILE B 153 -32.11 -16.08 18.92
C ILE B 153 -31.58 -14.90 18.09
N CYS B 154 -30.78 -14.03 18.72
CA CYS B 154 -30.20 -12.88 18.03
C CYS B 154 -29.23 -13.36 16.96
N PHE B 155 -29.21 -12.68 15.83
CA PHE B 155 -28.29 -13.02 14.75
C PHE B 155 -26.86 -12.94 15.28
N PRO B 156 -25.96 -13.81 14.79
CA PRO B 156 -24.54 -13.88 15.20
C PRO B 156 -23.76 -12.56 15.12
N THR B 157 -23.04 -12.23 16.19
CA THR B 157 -22.26 -11.01 16.21
C THR B 157 -20.95 -11.16 15.42
N PRO B 158 -20.31 -10.04 15.03
CA PRO B 158 -19.07 -10.17 14.27
C PRO B 158 -18.00 -10.95 15.04
N GLN B 159 -17.94 -10.75 16.35
CA GLN B 159 -16.96 -11.45 17.17
C GLN B 159 -17.13 -12.95 17.00
N ARG B 160 -18.29 -13.46 17.40
CA ARG B 160 -18.57 -14.87 17.32
C ARG B 160 -18.20 -15.49 15.97
N LEU B 161 -18.65 -14.88 14.87
CA LEU B 161 -18.35 -15.40 13.53
C LEU B 161 -16.89 -15.21 13.11
N ALA B 162 -16.21 -14.28 13.76
CA ALA B 162 -14.82 -14.03 13.42
C ALA B 162 -14.03 -15.21 13.95
N ALA B 163 -14.39 -15.65 15.15
CA ALA B 163 -13.73 -16.76 15.81
C ALA B 163 -14.38 -18.11 15.51
N ALA B 164 -15.03 -18.22 14.35
CA ALA B 164 -15.68 -19.48 14.01
C ALA B 164 -14.77 -20.37 13.18
N ASP B 165 -14.86 -21.69 13.43
CA ASP B 165 -14.07 -22.68 12.72
C ASP B 165 -14.56 -22.71 11.28
N PRO B 166 -13.66 -22.44 10.32
CA PRO B 166 -14.01 -22.44 8.89
C PRO B 166 -14.50 -23.76 8.36
N GLN B 167 -14.71 -24.73 9.24
CA GLN B 167 -15.19 -26.03 8.80
C GLN B 167 -16.56 -26.30 9.42
N ALA B 168 -16.75 -25.90 10.67
CA ALA B 168 -18.03 -26.08 11.36
C ALA B 168 -19.10 -25.40 10.52
N LEU B 169 -18.67 -24.44 9.71
CA LEU B 169 -19.55 -23.69 8.82
C LEU B 169 -19.78 -24.47 7.54
N LYS B 170 -18.70 -24.91 6.91
CA LYS B 170 -18.82 -25.69 5.69
C LYS B 170 -19.78 -26.83 5.99
N ALA B 171 -19.69 -27.31 7.22
CA ALA B 171 -20.53 -28.40 7.71
C ALA B 171 -22.03 -28.12 7.50
N LEU B 172 -22.49 -27.01 8.06
CA LEU B 172 -23.90 -26.60 7.98
C LEU B 172 -24.46 -26.69 6.58
N GLY B 173 -23.59 -26.70 5.57
CA GLY B 173 -24.07 -26.82 4.21
C GLY B 173 -23.59 -25.79 3.22
N MET B 174 -22.31 -25.43 3.27
CA MET B 174 -21.76 -24.45 2.35
C MET B 174 -20.33 -24.80 1.99
N PRO B 175 -19.84 -24.31 0.83
CA PRO B 175 -18.47 -24.57 0.38
C PRO B 175 -17.45 -24.05 1.38
N LEU B 176 -16.18 -24.01 0.98
CA LEU B 176 -15.16 -23.52 1.89
C LEU B 176 -14.97 -22.03 1.67
N LYS B 177 -14.85 -21.63 0.41
CA LYS B 177 -14.68 -20.23 0.09
C LYS B 177 -15.92 -19.45 0.53
N ARG B 178 -16.94 -20.19 0.96
CA ARG B 178 -18.20 -19.61 1.41
C ARG B 178 -18.04 -19.20 2.86
N ALA B 179 -17.38 -20.06 3.64
CA ALA B 179 -17.15 -19.80 5.05
C ALA B 179 -15.96 -18.85 5.21
N GLU B 180 -15.12 -18.79 4.17
CA GLU B 180 -13.96 -17.90 4.19
C GLU B 180 -14.59 -16.51 4.24
N ALA B 181 -15.43 -16.27 3.23
CA ALA B 181 -16.17 -15.04 3.05
C ALA B 181 -16.77 -14.52 4.35
N LEU B 182 -17.63 -15.32 4.97
CA LEU B 182 -18.25 -14.91 6.22
C LEU B 182 -17.19 -14.51 7.22
N ILE B 183 -16.22 -15.40 7.45
CA ILE B 183 -15.18 -15.11 8.41
C ILE B 183 -14.41 -13.84 8.08
N HIS B 184 -14.17 -13.57 6.80
CA HIS B 184 -13.46 -12.36 6.44
C HIS B 184 -14.35 -11.16 6.76
N LEU B 185 -15.57 -11.20 6.22
CA LEU B 185 -16.56 -10.15 6.42
C LEU B 185 -16.69 -9.82 7.89
N ALA B 186 -16.72 -10.86 8.69
CA ALA B 186 -16.86 -10.68 10.12
C ALA B 186 -15.72 -9.88 10.70
N ASN B 187 -14.49 -10.13 10.25
CA ASN B 187 -13.37 -9.38 10.81
C ASN B 187 -13.45 -7.96 10.33
N ALA B 188 -13.80 -7.81 9.06
CA ALA B 188 -13.95 -6.48 8.50
C ALA B 188 -14.84 -5.69 9.43
N ALA B 189 -15.98 -6.28 9.81
CA ALA B 189 -16.92 -5.62 10.70
C ALA B 189 -16.33 -5.29 12.06
N LEU B 190 -15.57 -6.22 12.63
CA LEU B 190 -14.96 -6.01 13.93
C LEU B 190 -14.13 -4.75 13.98
N GLU B 191 -13.36 -4.53 12.92
CA GLU B 191 -12.47 -3.38 12.83
C GLU B 191 -13.11 -2.10 12.27
N GLY B 192 -14.16 -2.25 11.48
CA GLY B 192 -14.80 -1.07 10.92
C GLY B 192 -14.50 -0.84 9.45
N THR B 193 -14.08 -1.89 8.73
CA THR B 193 -13.77 -1.78 7.32
C THR B 193 -15.00 -1.95 6.43
N LEU B 194 -16.06 -2.53 7.00
CA LEU B 194 -17.33 -2.75 6.30
C LEU B 194 -18.26 -1.60 6.64
N PRO B 195 -18.57 -0.76 5.65
CA PRO B 195 -19.47 0.37 5.95
C PRO B 195 -20.81 -0.08 6.53
N MET B 196 -21.12 0.36 7.74
CA MET B 196 -22.38 -0.03 8.37
C MET B 196 -23.54 0.86 7.97
N THR B 197 -23.24 1.97 7.29
CA THR B 197 -24.27 2.90 6.84
C THR B 197 -23.88 3.33 5.43
N ILE B 198 -24.84 3.75 4.62
CA ILE B 198 -24.55 4.14 3.24
C ILE B 198 -23.48 5.22 3.06
N PRO B 199 -22.44 4.91 2.27
CA PRO B 199 -21.32 5.81 1.96
C PRO B 199 -21.67 6.88 0.93
N GLY B 200 -21.05 8.04 1.06
CA GLY B 200 -21.30 9.13 0.13
C GLY B 200 -21.00 8.69 -1.29
N ASP B 201 -20.10 7.74 -1.43
CA ASP B 201 -19.75 7.24 -2.75
C ASP B 201 -20.03 5.76 -2.82
N VAL B 202 -21.21 5.42 -3.32
CA VAL B 202 -21.63 4.04 -3.42
C VAL B 202 -20.77 3.21 -4.38
N GLU B 203 -20.50 3.73 -5.57
CA GLU B 203 -19.68 2.99 -6.54
C GLU B 203 -18.30 2.63 -5.99
N GLN B 204 -17.63 3.61 -5.44
CA GLN B 204 -16.30 3.39 -4.89
C GLN B 204 -16.39 2.39 -3.75
N ALA B 205 -17.35 2.60 -2.84
CA ALA B 205 -17.49 1.70 -1.70
C ALA B 205 -17.70 0.25 -2.15
N MET B 206 -18.50 0.06 -3.20
CA MET B 206 -18.76 -1.25 -3.75
C MET B 206 -17.50 -1.86 -4.35
N LYS B 207 -16.70 -1.04 -5.02
CA LYS B 207 -15.46 -1.52 -5.63
C LYS B 207 -14.63 -2.17 -4.52
N THR B 208 -14.41 -1.43 -3.45
CA THR B 208 -13.66 -1.96 -2.32
C THR B 208 -14.25 -3.29 -1.85
N LEU B 209 -15.57 -3.34 -1.70
CA LEU B 209 -16.20 -4.58 -1.25
C LEU B 209 -15.84 -5.74 -2.14
N GLN B 210 -15.78 -5.49 -3.44
CA GLN B 210 -15.47 -6.54 -4.40
C GLN B 210 -14.08 -7.15 -4.22
N THR B 211 -13.22 -6.51 -3.43
CA THR B 211 -11.88 -7.05 -3.18
C THR B 211 -11.98 -8.14 -2.11
N PHE B 212 -13.09 -8.16 -1.39
CA PHE B 212 -13.34 -9.11 -0.33
C PHE B 212 -13.42 -10.55 -0.84
N PRO B 213 -12.77 -11.49 -0.14
CA PRO B 213 -12.85 -12.86 -0.63
C PRO B 213 -14.29 -13.34 -0.57
N GLY B 214 -14.78 -13.86 -1.70
CA GLY B 214 -16.14 -14.36 -1.74
C GLY B 214 -17.16 -13.32 -2.15
N ILE B 215 -16.77 -12.05 -2.12
CA ILE B 215 -17.69 -10.98 -2.49
C ILE B 215 -17.40 -10.49 -3.89
N GLY B 216 -18.32 -10.76 -4.81
CA GLY B 216 -18.14 -10.32 -6.17
C GLY B 216 -19.01 -9.11 -6.48
N ARG B 217 -19.13 -8.75 -7.75
CA ARG B 217 -19.95 -7.60 -8.13
C ARG B 217 -21.43 -7.75 -7.78
N TRP B 218 -21.95 -8.97 -7.95
CA TRP B 218 -23.35 -9.20 -7.64
C TRP B 218 -23.59 -8.98 -6.16
N THR B 219 -22.81 -9.69 -5.33
CA THR B 219 -22.95 -9.52 -3.89
C THR B 219 -22.79 -8.04 -3.53
N ALA B 220 -21.67 -7.43 -3.88
CA ALA B 220 -21.48 -6.02 -3.57
C ALA B 220 -22.73 -5.19 -3.94
N ASN B 221 -23.25 -5.36 -5.15
CA ASN B 221 -24.44 -4.64 -5.57
C ASN B 221 -25.62 -4.90 -4.63
N TYR B 222 -26.07 -6.15 -4.58
CA TYR B 222 -27.19 -6.54 -3.73
C TYR B 222 -27.00 -6.05 -2.30
N PHE B 223 -25.75 -6.01 -1.85
CA PHE B 223 -25.45 -5.56 -0.51
C PHE B 223 -25.71 -4.06 -0.37
N ALA B 224 -25.40 -3.32 -1.42
CA ALA B 224 -25.60 -1.88 -1.39
C ALA B 224 -27.10 -1.63 -1.28
N LEU B 225 -27.83 -2.36 -2.11
CA LEU B 225 -29.27 -2.28 -2.20
C LEU B 225 -30.01 -2.53 -0.89
N ARG B 226 -29.73 -3.65 -0.25
CA ARG B 226 -30.41 -4.00 0.99
C ARG B 226 -29.70 -3.59 2.27
N GLY B 227 -28.38 -3.69 2.30
CA GLY B 227 -27.65 -3.34 3.50
C GLY B 227 -27.50 -1.85 3.71
N TRP B 228 -27.45 -1.07 2.63
CA TRP B 228 -27.33 0.38 2.78
C TRP B 228 -28.58 1.06 2.26
N GLN B 229 -29.47 0.29 1.65
CA GLN B 229 -30.69 0.85 1.09
C GLN B 229 -30.36 1.89 0.03
N ALA B 230 -29.31 1.63 -0.73
CA ALA B 230 -28.90 2.53 -1.81
C ALA B 230 -30.06 2.49 -2.80
N LYS B 231 -30.47 3.63 -3.31
CA LYS B 231 -31.63 3.65 -4.19
C LYS B 231 -31.38 3.69 -5.68
N ASP B 232 -30.15 3.90 -6.10
CA ASP B 232 -29.88 3.97 -7.53
C ASP B 232 -28.94 2.92 -8.09
N VAL B 233 -28.97 1.70 -7.54
CA VAL B 233 -28.12 0.64 -8.05
C VAL B 233 -28.99 -0.30 -8.88
N PHE B 234 -28.35 -1.18 -9.65
CA PHE B 234 -29.10 -2.13 -10.46
C PHE B 234 -28.29 -3.42 -10.39
N LEU B 235 -28.90 -4.54 -10.77
CA LEU B 235 -28.17 -5.81 -10.72
C LEU B 235 -28.17 -6.53 -12.06
N PRO B 236 -27.37 -6.02 -13.02
CA PRO B 236 -27.31 -6.66 -14.34
C PRO B 236 -26.71 -8.07 -14.32
N ASP B 237 -26.04 -8.43 -13.24
CA ASP B 237 -25.43 -9.75 -13.13
C ASP B 237 -26.36 -10.75 -12.47
N ASP B 238 -27.53 -10.27 -12.03
CA ASP B 238 -28.48 -11.15 -11.40
C ASP B 238 -29.04 -12.15 -12.41
N TYR B 239 -29.22 -13.39 -11.95
CA TYR B 239 -29.75 -14.44 -12.79
C TYR B 239 -31.08 -14.04 -13.44
N LEU B 240 -32.07 -13.80 -12.58
CA LEU B 240 -33.41 -13.43 -13.01
C LEU B 240 -33.42 -12.16 -13.83
N ILE B 241 -32.50 -11.24 -13.55
CA ILE B 241 -32.47 -10.00 -14.32
C ILE B 241 -32.10 -10.29 -15.76
N LYS B 242 -31.19 -11.23 -15.96
CA LYS B 242 -30.75 -11.60 -17.31
C LYS B 242 -31.94 -12.12 -18.13
N GLN B 243 -32.77 -12.95 -17.51
CA GLN B 243 -33.93 -13.51 -18.19
C GLN B 243 -34.94 -12.43 -18.56
N ARG B 244 -35.02 -11.38 -17.75
CA ARG B 244 -35.93 -10.28 -18.01
C ARG B 244 -35.41 -9.47 -19.19
N PHE B 245 -34.14 -9.65 -19.51
CA PHE B 245 -33.51 -8.97 -20.64
C PHE B 245 -32.93 -10.04 -21.55
N PRO B 246 -33.78 -10.96 -22.05
CA PRO B 246 -33.35 -12.05 -22.93
C PRO B 246 -32.15 -11.71 -23.79
N GLY B 247 -31.11 -12.53 -23.69
CA GLY B 247 -29.90 -12.32 -24.47
C GLY B 247 -28.96 -11.26 -23.94
N MET B 248 -29.35 -9.98 -24.07
CA MET B 248 -28.55 -8.84 -23.63
C MET B 248 -27.39 -9.09 -22.68
N THR B 249 -26.33 -8.30 -22.88
CA THR B 249 -25.12 -8.38 -22.09
C THR B 249 -25.11 -7.44 -20.90
N PRO B 250 -24.51 -7.89 -19.78
CA PRO B 250 -24.42 -7.13 -18.52
C PRO B 250 -24.09 -5.64 -18.62
N ALA B 251 -23.77 -5.15 -19.81
CA ALA B 251 -23.45 -3.74 -19.98
C ALA B 251 -24.51 -3.05 -20.82
N GLN B 252 -25.31 -3.85 -21.51
CA GLN B 252 -26.39 -3.32 -22.33
C GLN B 252 -27.60 -3.16 -21.40
N ILE B 253 -27.65 -4.03 -20.40
CA ILE B 253 -28.70 -3.99 -19.39
C ILE B 253 -28.45 -2.68 -18.64
N ARG B 254 -27.23 -2.56 -18.15
CA ARG B 254 -26.75 -1.40 -17.44
C ARG B 254 -27.09 -0.15 -18.25
N ARG B 255 -26.85 -0.21 -19.55
CA ARG B 255 -27.09 0.90 -20.47
C ARG B 255 -28.58 1.24 -20.56
N TYR B 256 -29.41 0.21 -20.60
CA TYR B 256 -30.85 0.39 -20.69
C TYR B 256 -31.41 0.91 -19.37
N ALA B 257 -30.92 0.35 -18.26
CA ALA B 257 -31.36 0.71 -16.93
C ALA B 257 -31.09 2.18 -16.59
N GLU B 258 -30.05 2.74 -17.19
CA GLU B 258 -29.72 4.13 -16.92
C GLU B 258 -30.93 5.06 -17.06
N ARG B 259 -31.93 4.63 -17.83
CA ARG B 259 -33.12 5.45 -18.03
C ARG B 259 -33.91 5.67 -16.75
N TRP B 260 -33.65 4.85 -15.73
CA TRP B 260 -34.38 4.96 -14.47
C TRP B 260 -33.61 5.67 -13.36
N LYS B 261 -32.53 6.36 -13.70
CA LYS B 261 -31.77 7.11 -12.70
C LYS B 261 -32.74 8.15 -12.17
N PRO B 262 -32.65 8.48 -10.88
CA PRO B 262 -31.71 7.95 -9.89
C PRO B 262 -32.42 6.96 -8.97
N TRP B 263 -33.35 6.22 -9.54
CA TRP B 263 -34.11 5.24 -8.77
C TRP B 263 -33.97 3.84 -9.32
N ARG B 264 -32.77 3.49 -9.78
CA ARG B 264 -32.59 2.16 -10.34
C ARG B 264 -32.93 1.02 -9.40
N SER B 265 -32.73 1.23 -8.10
CA SER B 265 -33.06 0.21 -7.11
C SER B 265 -34.55 -0.14 -7.15
N TYR B 266 -35.40 0.87 -7.25
CA TYR B 266 -36.83 0.62 -7.32
C TYR B 266 -37.14 -0.08 -8.64
N ALA B 267 -36.66 0.50 -9.74
CA ALA B 267 -36.88 -0.10 -11.06
C ALA B 267 -36.56 -1.59 -11.03
N LEU B 268 -35.47 -1.92 -10.34
CA LEU B 268 -35.02 -3.31 -10.20
C LEU B 268 -36.11 -4.19 -9.60
N LEU B 269 -36.63 -3.74 -8.46
CA LEU B 269 -37.69 -4.46 -7.78
C LEU B 269 -38.88 -4.68 -8.70
N HIS B 270 -39.38 -3.62 -9.34
CA HIS B 270 -40.53 -3.78 -10.23
C HIS B 270 -40.28 -4.82 -11.32
N ILE B 271 -39.08 -4.79 -11.91
CA ILE B 271 -38.72 -5.72 -12.98
C ILE B 271 -38.64 -7.15 -12.46
N TRP B 272 -38.11 -7.31 -11.25
CA TRP B 272 -38.02 -8.61 -10.62
C TRP B 272 -39.40 -9.22 -10.46
N TYR B 273 -40.33 -8.43 -9.91
CA TYR B 273 -41.69 -8.89 -9.65
C TYR B 273 -42.74 -8.57 -10.70
N THR B 274 -42.34 -8.65 -11.96
CA THR B 274 -43.23 -8.43 -13.09
C THR B 274 -42.69 -9.41 -14.12
N GLU B 275 -43.15 -10.66 -14.03
CA GLU B 275 -42.68 -11.73 -14.90
C GLU B 275 -42.70 -11.52 -16.41
N GLY B 276 -43.87 -11.29 -16.97
CA GLY B 276 -43.93 -11.10 -18.42
C GLY B 276 -43.24 -9.85 -18.91
N TRP B 277 -42.44 -9.22 -18.05
CA TRP B 277 -41.76 -8.00 -18.44
C TRP B 277 -40.61 -8.25 -19.39
N GLN B 278 -40.54 -7.40 -20.41
CA GLN B 278 -39.49 -7.47 -21.40
C GLN B 278 -39.22 -6.05 -21.84
N PRO B 279 -37.95 -5.72 -22.09
CA PRO B 279 -37.52 -4.39 -22.51
C PRO B 279 -38.17 -3.91 -23.77
N ASP B 280 -37.98 -2.63 -24.08
CA ASP B 280 -38.54 -2.09 -25.30
C ASP B 280 -37.67 -2.57 -26.44
N GLU B 281 -38.30 -3.19 -27.44
CA GLU B 281 -37.58 -3.71 -28.61
C GLU B 281 -37.01 -2.58 -29.46
N ALA B 282 -37.48 -1.36 -29.18
CA ALA B 282 -37.04 -0.16 -29.91
C ALA B 282 -35.52 -0.05 -29.95
N MET C 1 -42.97 17.35 19.62
CA MET C 1 -43.99 16.36 19.16
C MET C 1 -43.62 14.91 19.53
N TYR C 2 -42.40 14.50 19.21
CA TYR C 2 -41.92 13.14 19.52
C TYR C 2 -41.35 13.08 20.94
N THR C 3 -41.41 11.92 21.58
CA THR C 3 -40.84 11.83 22.93
C THR C 3 -39.93 10.63 23.18
N LEU C 4 -38.83 10.89 23.88
CA LEU C 4 -37.87 9.85 24.24
C LEU C 4 -37.58 10.03 25.71
N ASN C 5 -37.59 8.95 26.48
CA ASN C 5 -37.34 9.04 27.92
C ASN C 5 -35.92 8.67 28.34
N TRP C 6 -35.58 8.97 29.60
CA TRP C 6 -34.25 8.67 30.14
C TRP C 6 -34.30 8.18 31.58
N GLN C 7 -33.12 7.88 32.15
CA GLN C 7 -32.99 7.41 33.53
C GLN C 7 -32.52 8.49 34.50
N PRO C 8 -33.29 8.73 35.58
CA PRO C 8 -32.81 9.76 36.50
C PRO C 8 -31.68 9.11 37.27
N PRO C 9 -30.69 9.90 37.70
CA PRO C 9 -30.55 11.35 37.50
C PRO C 9 -29.85 11.70 36.19
N TYR C 10 -30.22 12.84 35.62
CA TYR C 10 -29.62 13.35 34.39
C TYR C 10 -29.36 14.83 34.64
N ASP C 11 -28.09 15.21 34.56
CA ASP C 11 -27.69 16.58 34.78
C ASP C 11 -27.80 17.40 33.50
N TRP C 12 -29.01 17.83 33.15
CA TRP C 12 -29.20 18.61 31.94
C TRP C 12 -28.44 19.92 31.97
N SER C 13 -28.30 20.48 33.16
CA SER C 13 -27.58 21.73 33.32
C SER C 13 -26.17 21.54 32.77
N TRP C 14 -25.51 20.46 33.20
CA TRP C 14 -24.15 20.13 32.76
C TRP C 14 -24.11 19.79 31.27
N MET C 15 -24.99 18.89 30.85
CA MET C 15 -25.04 18.50 29.45
C MET C 15 -25.18 19.71 28.54
N LEU C 16 -26.09 20.62 28.87
CA LEU C 16 -26.29 21.82 28.05
C LEU C 16 -25.09 22.75 28.08
N GLY C 17 -24.46 22.87 29.25
CA GLY C 17 -23.30 23.73 29.35
C GLY C 17 -22.18 23.22 28.49
N PHE C 18 -21.88 21.92 28.62
CA PHE C 18 -20.82 21.28 27.84
C PHE C 18 -21.06 21.57 26.38
N LEU C 19 -22.26 21.25 25.90
CA LEU C 19 -22.60 21.48 24.51
C LEU C 19 -22.60 22.96 24.17
N ALA C 20 -22.88 23.80 25.16
CA ALA C 20 -22.94 25.23 24.96
C ALA C 20 -21.56 25.81 24.66
N ALA C 21 -20.57 25.34 25.39
CA ALA C 21 -19.22 25.82 25.19
C ALA C 21 -18.71 25.51 23.80
N ARG C 22 -19.14 24.37 23.25
CA ARG C 22 -18.68 23.91 21.95
C ARG C 22 -19.59 24.18 20.77
N ALA C 23 -20.70 24.87 21.01
CA ALA C 23 -21.66 25.17 19.97
C ALA C 23 -21.07 25.92 18.79
N VAL C 24 -21.48 25.53 17.59
CA VAL C 24 -21.00 26.18 16.39
C VAL C 24 -22.04 27.14 15.84
N SER C 25 -21.73 28.43 15.94
CA SER C 25 -22.62 29.48 15.46
C SER C 25 -23.18 29.18 14.07
N SER C 26 -24.50 29.34 13.95
CA SER C 26 -25.23 29.10 12.70
C SER C 26 -25.57 27.64 12.48
N VAL C 27 -25.04 26.77 13.33
CA VAL C 27 -25.33 25.36 13.19
C VAL C 27 -26.16 24.95 14.39
N GLU C 28 -25.69 25.27 15.58
CA GLU C 28 -26.40 24.92 16.80
C GLU C 28 -26.83 26.16 17.57
N THR C 29 -27.84 26.00 18.40
CA THR C 29 -28.34 27.07 19.24
C THR C 29 -28.59 26.39 20.57
N VAL C 30 -27.81 26.74 21.58
CA VAL C 30 -28.00 26.10 22.88
C VAL C 30 -28.51 27.05 23.97
N ALA C 31 -29.68 26.74 24.50
CA ALA C 31 -30.28 27.53 25.56
C ALA C 31 -30.21 26.77 26.88
N ASP C 32 -30.71 27.38 27.94
CA ASP C 32 -30.69 26.77 29.27
C ASP C 32 -31.76 25.71 29.47
N SER C 33 -32.77 25.71 28.61
CA SER C 33 -33.85 24.73 28.70
C SER C 33 -34.02 23.91 27.42
N TYR C 34 -33.30 24.29 26.37
CA TYR C 34 -33.42 23.54 25.12
C TYR C 34 -32.19 23.57 24.24
N TYR C 35 -32.10 22.59 23.35
CA TYR C 35 -30.98 22.46 22.42
C TYR C 35 -31.61 22.39 21.03
N ALA C 36 -30.91 22.89 20.03
CA ALA C 36 -31.44 22.81 18.67
C ALA C 36 -30.36 23.05 17.65
N ARG C 37 -30.54 22.47 16.46
CA ARG C 37 -29.53 22.65 15.42
C ARG C 37 -30.06 22.23 14.07
N SER C 38 -29.21 22.41 13.05
CA SER C 38 -29.52 22.01 11.69
C SER C 38 -29.20 20.51 11.64
N LEU C 39 -29.89 19.78 10.78
CA LEU C 39 -29.67 18.35 10.70
C LEU C 39 -29.91 17.88 9.29
N ALA C 40 -29.02 17.03 8.81
CA ALA C 40 -29.15 16.49 7.47
C ALA C 40 -29.11 14.99 7.61
N VAL C 41 -29.91 14.30 6.81
CA VAL C 41 -29.90 12.86 6.82
C VAL C 41 -30.09 12.56 5.34
N GLY C 42 -28.98 12.36 4.65
CA GLY C 42 -29.04 12.15 3.22
C GLY C 42 -29.42 13.50 2.63
N GLU C 43 -30.45 13.54 1.81
CA GLU C 43 -30.86 14.82 1.22
C GLU C 43 -31.98 15.44 2.03
N TYR C 44 -32.35 14.81 3.16
CA TYR C 44 -33.41 15.34 4.02
C TYR C 44 -32.81 16.34 4.99
N ARG C 45 -33.26 17.58 4.91
CA ARG C 45 -32.72 18.62 5.77
C ARG C 45 -33.75 19.36 6.57
N GLY C 46 -33.36 19.87 7.73
CA GLY C 46 -34.28 20.61 8.56
C GLY C 46 -33.66 21.00 9.88
N VAL C 47 -34.47 21.44 10.82
CA VAL C 47 -33.97 21.81 12.12
C VAL C 47 -34.49 20.85 13.15
N VAL C 48 -33.73 20.65 14.23
CA VAL C 48 -34.12 19.74 15.31
C VAL C 48 -34.13 20.51 16.59
N THR C 49 -35.16 20.29 17.40
CA THR C 49 -35.27 20.96 18.67
C THR C 49 -35.51 19.88 19.70
N ALA C 50 -34.73 19.92 20.77
CA ALA C 50 -34.87 18.94 21.83
C ALA C 50 -35.17 19.71 23.09
N ILE C 51 -36.31 19.39 23.71
CA ILE C 51 -36.69 20.06 24.94
C ILE C 51 -36.83 19.01 26.02
N PRO C 52 -35.92 19.07 27.02
CA PRO C 52 -35.93 18.11 28.13
C PRO C 52 -36.87 18.50 29.25
N ASP C 53 -37.78 17.59 29.58
CA ASP C 53 -38.74 17.82 30.63
C ASP C 53 -38.42 16.96 31.86
N ILE C 54 -37.68 17.55 32.79
CA ILE C 54 -37.26 16.88 34.03
C ILE C 54 -38.44 16.28 34.76
N ALA C 55 -39.49 17.07 34.93
CA ALA C 55 -40.69 16.64 35.62
C ALA C 55 -41.00 15.19 35.30
N ARG C 56 -41.14 14.90 34.00
CA ARG C 56 -41.45 13.56 33.54
C ARG C 56 -40.24 12.82 32.98
N HIS C 57 -39.04 13.20 33.42
CA HIS C 57 -37.80 12.60 32.94
C HIS C 57 -37.90 12.09 31.50
N THR C 58 -38.39 12.97 30.64
CA THR C 58 -38.58 12.68 29.23
C THR C 58 -37.93 13.77 28.37
N LEU C 59 -37.62 13.42 27.14
CA LEU C 59 -37.02 14.37 26.21
C LEU C 59 -38.00 14.55 25.06
N HIS C 60 -38.35 15.80 24.78
CA HIS C 60 -39.28 16.10 23.71
C HIS C 60 -38.51 16.59 22.49
N ILE C 61 -38.77 15.94 21.35
CA ILE C 61 -38.09 16.27 20.12
C ILE C 61 -39.02 16.74 19.03
N ASN C 62 -38.76 17.94 18.52
CA ASN C 62 -39.57 18.48 17.44
C ASN C 62 -38.72 18.48 16.17
N LEU C 63 -39.35 18.20 15.04
CA LEU C 63 -38.65 18.16 13.77
C LEU C 63 -39.28 19.00 12.67
N SER C 64 -38.47 19.85 12.06
CA SER C 64 -38.91 20.67 10.94
C SER C 64 -39.52 19.65 9.94
N ALA C 65 -40.42 20.09 9.07
CA ALA C 65 -41.05 19.15 8.14
C ALA C 65 -40.10 18.47 7.16
N GLY C 66 -38.95 19.06 6.91
CA GLY C 66 -38.02 18.46 5.96
C GLY C 66 -37.40 17.16 6.46
N LEU C 67 -37.40 16.96 7.78
CA LEU C 67 -36.82 15.77 8.37
C LEU C 67 -37.86 14.69 8.68
N GLU C 68 -39.13 15.05 8.59
CA GLU C 68 -40.19 14.10 8.90
C GLU C 68 -40.08 12.74 8.20
N PRO C 69 -39.69 12.70 6.91
CA PRO C 69 -39.58 11.39 6.25
C PRO C 69 -38.52 10.46 6.90
N VAL C 70 -37.62 11.02 7.70
CA VAL C 70 -36.59 10.22 8.37
C VAL C 70 -36.55 10.47 9.89
N ALA C 71 -37.74 10.73 10.45
CA ALA C 71 -37.93 10.99 11.89
C ALA C 71 -37.15 10.08 12.85
N ALA C 72 -37.28 8.77 12.66
CA ALA C 72 -36.61 7.79 13.52
C ALA C 72 -35.10 7.99 13.54
N GLU C 73 -34.50 8.13 12.36
CA GLU C 73 -33.08 8.33 12.32
C GLU C 73 -32.74 9.59 13.10
N CYS C 74 -33.56 10.63 12.99
CA CYS C 74 -33.28 11.85 13.73
C CYS C 74 -33.38 11.54 15.22
N LEU C 75 -34.34 10.69 15.57
CA LEU C 75 -34.52 10.32 16.96
C LEU C 75 -33.32 9.53 17.49
N ALA C 76 -32.81 8.58 16.71
CA ALA C 76 -31.67 7.78 17.14
C ALA C 76 -30.45 8.67 17.32
N LYS C 77 -30.36 9.69 16.49
CA LYS C 77 -29.22 10.59 16.59
C LYS C 77 -29.30 11.41 17.87
N MET C 78 -30.46 11.94 18.22
CA MET C 78 -30.59 12.71 19.45
C MET C 78 -30.24 11.80 20.64
N SER C 79 -30.67 10.54 20.57
CA SER C 79 -30.40 9.61 21.66
C SER C 79 -28.92 9.24 21.79
N ARG C 80 -28.16 9.38 20.69
CA ARG C 80 -26.73 9.09 20.76
C ARG C 80 -26.00 10.32 21.29
N LEU C 81 -26.49 11.49 20.92
CA LEU C 81 -25.90 12.73 21.39
C LEU C 81 -26.15 12.96 22.87
N PHE C 82 -27.29 12.49 23.38
CA PHE C 82 -27.64 12.71 24.79
C PHE C 82 -27.48 11.51 25.73
N ASP C 83 -26.89 10.42 25.24
CA ASP C 83 -26.67 9.23 26.04
C ASP C 83 -27.88 8.80 26.89
N LEU C 84 -29.04 8.74 26.25
CA LEU C 84 -30.27 8.35 26.93
C LEU C 84 -30.30 6.87 27.32
N GLN C 85 -29.36 6.08 26.80
CA GLN C 85 -29.32 4.66 27.12
C GLN C 85 -28.63 4.41 28.47
N CYS C 86 -27.88 5.39 28.93
CA CYS C 86 -27.14 5.26 30.18
C CYS C 86 -27.98 4.86 31.40
N ASN C 87 -27.39 3.97 32.20
CA ASN C 87 -28.01 3.50 33.45
C ASN C 87 -27.09 4.05 34.54
N PRO C 88 -27.33 5.29 34.98
CA PRO C 88 -26.51 5.92 36.02
C PRO C 88 -26.18 5.02 37.19
N GLN C 89 -27.12 4.15 37.55
CA GLN C 89 -26.88 3.26 38.66
C GLN C 89 -25.63 2.41 38.40
N ILE C 90 -25.60 1.73 37.26
CA ILE C 90 -24.46 0.87 36.91
C ILE C 90 -23.11 1.58 36.86
N VAL C 91 -23.05 2.72 36.19
CA VAL C 91 -21.81 3.47 36.09
C VAL C 91 -21.40 4.00 37.46
N ASN C 92 -22.29 4.79 38.06
CA ASN C 92 -22.03 5.35 39.39
C ASN C 92 -21.79 4.22 40.39
N GLY C 93 -22.30 3.03 40.09
CA GLY C 93 -22.11 1.91 40.98
C GLY C 93 -20.71 1.34 40.84
N ALA C 94 -20.19 1.38 39.62
CA ALA C 94 -18.85 0.85 39.38
C ALA C 94 -17.78 1.93 39.46
N LEU C 95 -18.17 3.17 39.75
CA LEU C 95 -17.22 4.27 39.87
C LEU C 95 -17.09 4.78 41.31
N GLY C 96 -18.07 4.48 42.14
CA GLY C 96 -18.04 4.90 43.53
C GLY C 96 -17.99 6.41 43.75
N ARG C 97 -17.09 6.83 44.62
CA ARG C 97 -16.93 8.24 44.97
C ARG C 97 -16.64 9.17 43.79
N LEU C 98 -15.83 8.70 42.85
CA LEU C 98 -15.46 9.48 41.68
C LEU C 98 -16.69 10.10 41.03
N GLY C 99 -17.78 9.33 41.00
CA GLY C 99 -19.01 9.80 40.42
C GLY C 99 -20.08 10.00 41.47
N ALA C 100 -19.79 10.84 42.46
CA ALA C 100 -20.74 11.10 43.53
C ALA C 100 -21.26 12.53 43.41
N ALA C 101 -20.33 13.46 43.23
CA ALA C 101 -20.64 14.88 43.10
C ALA C 101 -21.64 15.19 41.99
N ARG C 102 -21.57 14.45 40.89
CA ARG C 102 -22.45 14.68 39.76
C ARG C 102 -22.90 13.38 39.11
N PRO C 103 -23.80 12.64 39.75
CA PRO C 103 -24.30 11.36 39.21
C PRO C 103 -25.17 11.47 37.95
N GLY C 104 -25.60 12.69 37.62
CA GLY C 104 -26.43 12.88 36.45
C GLY C 104 -25.59 12.99 35.19
N LEU C 105 -24.27 12.93 35.40
CA LEU C 105 -23.27 13.01 34.35
C LEU C 105 -23.62 12.04 33.21
N ARG C 106 -23.51 12.52 31.97
CA ARG C 106 -23.78 11.70 30.78
C ARG C 106 -22.65 11.90 29.78
N LEU C 107 -22.44 10.95 28.89
CA LEU C 107 -21.38 11.11 27.91
C LEU C 107 -21.89 11.89 26.72
N PRO C 108 -21.34 13.08 26.47
CA PRO C 108 -21.80 13.86 25.33
C PRO C 108 -21.41 13.18 24.00
N GLY C 109 -22.40 12.68 23.27
CA GLY C 109 -22.15 12.04 21.99
C GLY C 109 -22.14 13.04 20.86
N CYS C 110 -22.68 12.65 19.72
CA CYS C 110 -22.72 13.53 18.56
C CYS C 110 -23.91 13.11 17.72
N VAL C 111 -24.16 13.86 16.66
CA VAL C 111 -25.29 13.56 15.80
C VAL C 111 -24.82 12.97 14.47
N ASP C 112 -23.51 13.05 14.23
CA ASP C 112 -22.88 12.52 13.02
C ASP C 112 -21.41 12.26 13.28
N ALA C 113 -20.93 11.07 12.96
CA ALA C 113 -19.53 10.78 13.23
C ALA C 113 -18.57 11.56 12.33
N PHE C 114 -18.93 11.80 11.08
CA PHE C 114 -18.00 12.55 10.24
C PHE C 114 -17.81 13.92 10.86
N GLU C 115 -18.91 14.53 11.31
CA GLU C 115 -18.87 15.86 11.91
C GLU C 115 -17.96 15.86 13.12
N GLN C 116 -18.21 14.93 14.02
CA GLN C 116 -17.42 14.81 15.23
C GLN C 116 -15.97 14.59 14.84
N GLY C 117 -15.77 14.01 13.66
CA GLY C 117 -14.42 13.76 13.17
C GLY C 117 -13.76 15.08 12.83
N VAL C 118 -14.52 15.95 12.17
CA VAL C 118 -14.01 17.26 11.81
C VAL C 118 -13.80 18.07 13.09
N ARG C 119 -14.71 17.93 14.07
CA ARG C 119 -14.58 18.68 15.32
C ARG C 119 -13.31 18.28 16.08
N ALA C 120 -13.11 16.97 16.19
CA ALA C 120 -11.96 16.44 16.89
C ALA C 120 -10.68 17.00 16.33
N ILE C 121 -10.55 17.01 15.00
CA ILE C 121 -9.34 17.51 14.38
C ILE C 121 -9.14 19.01 14.66
N LEU C 122 -10.19 19.79 14.43
CA LEU C 122 -10.13 21.22 14.67
C LEU C 122 -9.98 21.54 16.13
N GLY C 123 -10.36 20.59 16.99
CA GLY C 123 -10.24 20.81 18.41
C GLY C 123 -8.81 20.61 18.90
N GLN C 124 -7.93 20.18 18.01
CA GLN C 124 -6.53 19.97 18.36
C GLN C 124 -5.80 21.25 18.77
N LEU C 125 -4.99 21.14 19.81
CA LEU C 125 -4.19 22.26 20.29
C LEU C 125 -4.92 23.51 20.79
N VAL C 126 -5.73 24.14 19.95
CA VAL C 126 -6.44 25.35 20.37
C VAL C 126 -7.40 25.10 21.53
N SER C 127 -7.97 26.18 22.07
CA SER C 127 -8.91 26.13 23.19
C SER C 127 -10.29 25.77 22.67
N VAL C 128 -11.18 25.39 23.57
CA VAL C 128 -12.54 25.04 23.18
C VAL C 128 -13.18 26.19 22.40
N ALA C 129 -12.99 27.41 22.89
CA ALA C 129 -13.55 28.60 22.26
C ALA C 129 -12.95 28.83 20.89
N MET C 130 -11.67 28.49 20.74
CA MET C 130 -11.05 28.68 19.44
C MET C 130 -11.58 27.61 18.47
N ALA C 131 -11.63 26.37 18.94
CA ALA C 131 -12.11 25.29 18.10
C ALA C 131 -13.49 25.71 17.60
N ALA C 132 -14.35 26.10 18.53
CA ALA C 132 -15.70 26.52 18.17
C ALA C 132 -15.70 27.58 17.07
N LYS C 133 -14.89 28.63 17.26
CA LYS C 133 -14.85 29.68 16.24
C LYS C 133 -14.34 29.10 14.94
N LEU C 134 -13.22 28.41 15.03
CA LEU C 134 -12.60 27.80 13.86
C LEU C 134 -13.61 26.95 13.10
N THR C 135 -14.26 26.03 13.80
CA THR C 135 -15.25 25.16 13.18
C THR C 135 -16.36 26.01 12.55
N ALA C 136 -16.67 27.12 13.21
CA ALA C 136 -17.71 28.03 12.71
C ALA C 136 -17.35 28.57 11.32
N ARG C 137 -16.09 28.91 11.11
CA ARG C 137 -15.69 29.45 9.81
C ARG C 137 -15.77 28.37 8.75
N VAL C 138 -15.48 27.13 9.14
CA VAL C 138 -15.53 26.07 8.14
C VAL C 138 -16.97 25.85 7.72
N ALA C 139 -17.87 25.94 8.70
CA ALA C 139 -19.28 25.77 8.42
C ALA C 139 -19.79 26.84 7.47
N GLN C 140 -19.45 28.09 7.77
CA GLN C 140 -19.89 29.22 6.97
C GLN C 140 -19.47 29.13 5.52
N LEU C 141 -18.29 28.57 5.26
CA LEU C 141 -17.79 28.47 3.88
C LEU C 141 -18.20 27.24 3.08
N TYR C 142 -18.43 26.11 3.75
CA TYR C 142 -18.79 24.87 3.05
C TYR C 142 -20.17 24.33 3.35
N GLY C 143 -20.82 24.90 4.36
CA GLY C 143 -22.14 24.44 4.76
C GLY C 143 -23.25 24.71 3.76
N GLU C 144 -24.32 23.94 3.90
CA GLU C 144 -25.51 24.03 3.09
C GLU C 144 -26.49 24.86 3.89
N ARG C 145 -27.11 25.85 3.28
CA ARG C 145 -28.06 26.66 4.04
C ARG C 145 -29.47 26.11 3.84
N LEU C 146 -30.29 26.18 4.88
CA LEU C 146 -31.66 25.67 4.80
C LEU C 146 -32.61 26.74 4.26
N ASP C 147 -33.33 26.42 3.19
CA ASP C 147 -34.23 27.38 2.58
C ASP C 147 -35.34 27.89 3.49
N ASP C 148 -35.79 27.05 4.42
CA ASP C 148 -36.86 27.46 5.34
C ASP C 148 -36.30 28.06 6.64
N PHE C 149 -34.99 27.95 6.83
CA PHE C 149 -34.36 28.48 8.03
C PHE C 149 -33.07 29.17 7.65
N PRO C 150 -33.14 30.43 7.20
CA PRO C 150 -31.98 31.21 6.79
C PRO C 150 -30.96 31.50 7.91
N GLU C 151 -31.39 31.41 9.16
CA GLU C 151 -30.51 31.66 10.30
C GLU C 151 -29.58 30.47 10.50
N TYR C 152 -30.07 29.30 10.09
CA TYR C 152 -29.34 28.04 10.23
C TYR C 152 -28.57 27.63 8.99
N ILE C 153 -27.63 26.72 9.19
CA ILE C 153 -26.79 26.22 8.13
C ILE C 153 -26.37 24.79 8.51
N CYS C 154 -26.44 23.87 7.55
CA CYS C 154 -26.07 22.48 7.81
C CYS C 154 -24.57 22.33 7.94
N PHE C 155 -24.14 21.41 8.79
CA PHE C 155 -22.71 21.18 8.96
C PHE C 155 -22.19 20.64 7.61
N PRO C 156 -20.99 21.07 7.20
CA PRO C 156 -20.39 20.63 5.94
C PRO C 156 -20.37 19.10 5.79
N THR C 157 -20.71 18.65 4.59
CA THR C 157 -20.75 17.24 4.26
C THR C 157 -19.42 16.76 3.70
N PRO C 158 -19.19 15.44 3.66
CA PRO C 158 -17.92 14.96 3.13
C PRO C 158 -17.77 15.38 1.66
N GLN C 159 -18.84 15.33 0.89
CA GLN C 159 -18.78 15.70 -0.52
C GLN C 159 -18.15 17.07 -0.75
N ARG C 160 -18.46 18.04 0.09
CA ARG C 160 -17.88 19.38 -0.07
C ARG C 160 -16.44 19.46 0.38
N LEU C 161 -16.15 19.06 1.62
CA LEU C 161 -14.78 19.10 2.15
C LEU C 161 -13.79 18.23 1.35
N ALA C 162 -14.26 17.15 0.76
CA ALA C 162 -13.36 16.29 -0.01
C ALA C 162 -12.84 17.03 -1.22
N ALA C 163 -13.67 17.94 -1.74
CA ALA C 163 -13.34 18.74 -2.90
C ALA C 163 -12.68 20.07 -2.55
N ALA C 164 -12.64 20.39 -1.25
CA ALA C 164 -12.06 21.65 -0.81
C ALA C 164 -10.62 21.88 -1.22
N ASP C 165 -10.28 23.17 -1.30
CA ASP C 165 -8.95 23.62 -1.64
C ASP C 165 -8.20 23.76 -0.32
N PRO C 166 -7.12 22.99 -0.14
CA PRO C 166 -6.29 23.00 1.06
C PRO C 166 -5.98 24.41 1.54
N GLN C 167 -5.68 25.29 0.58
CA GLN C 167 -5.35 26.65 0.92
C GLN C 167 -6.54 27.47 1.43
N ALA C 168 -7.74 27.10 0.98
CA ALA C 168 -8.94 27.81 1.42
C ALA C 168 -9.17 27.53 2.89
N LEU C 169 -9.07 26.26 3.26
CA LEU C 169 -9.27 25.91 4.65
C LEU C 169 -8.16 26.58 5.49
N LYS C 170 -6.95 26.57 4.96
CA LYS C 170 -5.81 27.17 5.64
C LYS C 170 -6.11 28.63 5.98
N ALA C 171 -6.63 29.35 5.00
CA ALA C 171 -6.96 30.76 5.17
C ALA C 171 -7.92 31.03 6.33
N LEU C 172 -8.64 30.00 6.76
CA LEU C 172 -9.60 30.19 7.85
C LEU C 172 -8.90 30.30 9.20
N GLY C 173 -7.59 30.10 9.18
CA GLY C 173 -6.83 30.17 10.41
C GLY C 173 -6.43 28.82 10.98
N MET C 174 -5.90 27.95 10.13
CA MET C 174 -5.45 26.63 10.57
C MET C 174 -4.23 26.21 9.77
N PRO C 175 -3.33 25.44 10.38
CA PRO C 175 -2.12 24.95 9.72
C PRO C 175 -2.52 24.18 8.47
N LEU C 176 -1.64 24.13 7.48
CA LEU C 176 -1.96 23.41 6.26
C LEU C 176 -2.24 21.93 6.57
N LYS C 177 -1.39 21.32 7.39
CA LYS C 177 -1.53 19.91 7.78
C LYS C 177 -2.91 19.60 8.34
N ARG C 178 -3.48 20.57 9.04
CA ARG C 178 -4.80 20.36 9.62
C ARG C 178 -5.87 20.31 8.52
N ALA C 179 -5.79 21.22 7.55
CA ALA C 179 -6.72 21.27 6.43
C ALA C 179 -6.57 20.02 5.59
N GLU C 180 -5.34 19.53 5.44
CA GLU C 180 -5.11 18.32 4.65
C GLU C 180 -5.74 17.14 5.39
N ALA C 181 -5.66 17.20 6.72
CA ALA C 181 -6.24 16.17 7.56
C ALA C 181 -7.74 16.12 7.29
N LEU C 182 -8.36 17.30 7.29
CA LEU C 182 -9.80 17.39 7.05
C LEU C 182 -10.19 16.84 5.69
N ILE C 183 -9.43 17.22 4.66
CA ILE C 183 -9.73 16.76 3.31
C ILE C 183 -9.59 15.23 3.20
N HIS C 184 -8.62 14.65 3.94
CA HIS C 184 -8.43 13.20 3.92
C HIS C 184 -9.55 12.51 4.69
N LEU C 185 -9.95 13.10 5.81
CA LEU C 185 -11.03 12.50 6.59
C LEU C 185 -12.29 12.46 5.72
N ALA C 186 -12.59 13.56 5.04
CA ALA C 186 -13.75 13.61 4.18
C ALA C 186 -13.70 12.54 3.09
N ASN C 187 -12.54 12.38 2.45
CA ASN C 187 -12.44 11.35 1.41
C ASN C 187 -12.70 9.97 1.98
N ALA C 188 -12.32 9.75 3.23
CA ALA C 188 -12.55 8.46 3.84
C ALA C 188 -14.04 8.27 4.07
N ALA C 189 -14.70 9.29 4.61
CA ALA C 189 -16.15 9.20 4.84
C ALA C 189 -16.88 8.87 3.53
N LEU C 190 -16.50 9.53 2.44
CA LEU C 190 -17.15 9.27 1.15
C LEU C 190 -16.94 7.82 0.76
N GLU C 191 -15.71 7.35 0.93
CA GLU C 191 -15.33 6.00 0.57
C GLU C 191 -15.91 4.94 1.49
N GLY C 192 -16.34 5.34 2.68
CA GLY C 192 -16.90 4.38 3.63
C GLY C 192 -15.89 3.83 4.62
N THR C 193 -14.70 4.41 4.64
CA THR C 193 -13.61 3.99 5.52
C THR C 193 -13.67 4.57 6.95
N LEU C 194 -14.62 5.48 7.19
CA LEU C 194 -14.76 6.08 8.49
C LEU C 194 -15.89 5.40 9.25
N PRO C 195 -15.55 4.62 10.27
CA PRO C 195 -16.57 3.92 11.05
C PRO C 195 -17.54 4.97 11.60
N MET C 196 -18.77 4.94 11.11
CA MET C 196 -19.79 5.91 11.51
C MET C 196 -20.61 5.38 12.68
N THR C 197 -20.28 4.18 13.12
CA THR C 197 -20.99 3.56 14.23
C THR C 197 -19.91 2.78 14.95
N ILE C 198 -19.98 2.71 16.27
CA ILE C 198 -18.97 2.00 17.06
C ILE C 198 -18.65 0.59 16.55
N PRO C 199 -17.37 0.31 16.30
CA PRO C 199 -17.03 -1.03 15.83
C PRO C 199 -16.86 -2.00 17.02
N GLY C 200 -16.95 -3.29 16.75
CA GLY C 200 -16.81 -4.25 17.83
C GLY C 200 -15.47 -4.21 18.52
N ASP C 201 -14.44 -3.85 17.77
CA ASP C 201 -13.07 -3.79 18.30
C ASP C 201 -12.50 -2.36 18.21
N VAL C 202 -12.88 -1.53 19.18
CA VAL C 202 -12.46 -0.14 19.26
C VAL C 202 -10.95 0.09 19.16
N GLU C 203 -10.17 -0.84 19.69
CA GLU C 203 -8.71 -0.72 19.68
C GLU C 203 -8.19 -0.84 18.25
N GLN C 204 -8.58 -1.91 17.57
CA GLN C 204 -8.14 -2.08 16.19
C GLN C 204 -8.59 -0.85 15.40
N ALA C 205 -9.87 -0.49 15.59
CA ALA C 205 -10.47 0.62 14.88
C ALA C 205 -9.70 1.93 15.03
N MET C 206 -9.27 2.26 16.25
CA MET C 206 -8.54 3.49 16.49
C MET C 206 -7.14 3.44 15.90
N LYS C 207 -6.49 2.30 16.08
CA LYS C 207 -5.15 2.11 15.54
C LYS C 207 -5.24 2.38 14.04
N THR C 208 -6.38 2.07 13.45
CA THR C 208 -6.59 2.28 12.03
C THR C 208 -6.85 3.77 11.72
N LEU C 209 -7.43 4.50 12.66
CA LEU C 209 -7.64 5.92 12.45
C LEU C 209 -6.31 6.66 12.48
N GLN C 210 -5.42 6.21 13.37
CA GLN C 210 -4.10 6.85 13.54
C GLN C 210 -3.18 6.81 12.33
N THR C 211 -3.55 6.03 11.31
CA THR C 211 -2.75 5.96 10.09
C THR C 211 -3.15 7.13 9.19
N PHE C 212 -4.30 7.73 9.52
CA PHE C 212 -4.83 8.87 8.79
C PHE C 212 -3.93 10.07 9.07
N PRO C 213 -3.57 10.85 8.04
CA PRO C 213 -2.71 11.99 8.32
C PRO C 213 -3.44 12.98 9.21
N GLY C 214 -2.71 13.61 10.14
CA GLY C 214 -3.31 14.59 11.02
C GLY C 214 -3.99 14.00 12.24
N ILE C 215 -4.24 12.69 12.23
CA ILE C 215 -4.88 12.03 13.37
C ILE C 215 -3.88 11.23 14.20
N GLY C 216 -3.74 11.62 15.46
CA GLY C 216 -2.83 10.95 16.37
C GLY C 216 -3.63 10.18 17.40
N ARG C 217 -2.95 9.71 18.45
CA ARG C 217 -3.61 8.94 19.51
C ARG C 217 -4.69 9.75 20.23
N TRP C 218 -4.40 11.02 20.49
CA TRP C 218 -5.36 11.88 21.16
C TRP C 218 -6.66 11.96 20.35
N THR C 219 -6.54 12.42 19.10
CA THR C 219 -7.70 12.59 18.22
C THR C 219 -8.49 11.30 18.07
N ALA C 220 -7.78 10.19 17.84
CA ALA C 220 -8.44 8.89 17.68
C ALA C 220 -9.26 8.56 18.93
N ASN C 221 -8.61 8.64 20.10
CA ASN C 221 -9.26 8.37 21.36
C ASN C 221 -10.48 9.28 21.54
N TYR C 222 -10.28 10.58 21.36
CA TYR C 222 -11.35 11.55 21.49
C TYR C 222 -12.45 11.33 20.46
N PHE C 223 -12.08 10.85 19.29
CA PHE C 223 -13.10 10.60 18.27
C PHE C 223 -13.93 9.41 18.72
N ALA C 224 -13.25 8.39 19.21
CA ALA C 224 -13.92 7.20 19.67
C ALA C 224 -14.89 7.54 20.82
N LEU C 225 -14.43 8.37 21.74
CA LEU C 225 -15.25 8.74 22.88
C LEU C 225 -16.52 9.48 22.49
N ARG C 226 -16.39 10.53 21.70
CA ARG C 226 -17.54 11.32 21.26
C ARG C 226 -18.28 10.79 20.03
N GLY C 227 -17.53 10.43 19.01
CA GLY C 227 -18.13 9.96 17.78
C GLY C 227 -18.70 8.56 17.77
N TRP C 228 -18.18 7.67 18.61
CA TRP C 228 -18.69 6.31 18.66
C TRP C 228 -19.38 6.13 20.02
N GLN C 229 -19.14 7.10 20.89
CA GLN C 229 -19.68 7.06 22.24
C GLN C 229 -19.22 5.76 22.89
N ALA C 230 -18.00 5.36 22.59
CA ALA C 230 -17.44 4.15 23.19
C ALA C 230 -17.33 4.49 24.69
N LYS C 231 -17.83 3.60 25.54
CA LYS C 231 -17.85 3.86 26.99
C LYS C 231 -16.59 3.51 27.78
N ASP C 232 -15.60 2.90 27.15
CA ASP C 232 -14.43 2.52 27.92
C ASP C 232 -13.07 2.99 27.39
N VAL C 233 -12.89 4.31 27.28
CA VAL C 233 -11.62 4.85 26.80
C VAL C 233 -11.20 6.04 27.64
N PHE C 234 -9.90 6.13 27.88
CA PHE C 234 -9.33 7.23 28.65
C PHE C 234 -8.50 8.10 27.70
N LEU C 235 -8.05 9.25 28.19
CA LEU C 235 -7.23 10.15 27.38
C LEU C 235 -5.95 10.50 28.16
N PRO C 236 -5.11 9.49 28.43
CA PRO C 236 -3.88 9.75 29.17
C PRO C 236 -2.98 10.79 28.50
N ASP C 237 -3.31 11.13 27.25
CA ASP C 237 -2.56 12.13 26.47
C ASP C 237 -3.15 13.53 26.59
N ASP C 238 -4.37 13.61 27.12
CA ASP C 238 -5.07 14.88 27.28
C ASP C 238 -4.26 15.87 28.11
N TYR C 239 -4.42 17.16 27.81
CA TYR C 239 -3.71 18.22 28.53
C TYR C 239 -4.22 18.32 29.97
N LEU C 240 -5.51 18.61 30.11
CA LEU C 240 -6.13 18.72 31.43
C LEU C 240 -5.92 17.45 32.26
N ILE C 241 -5.85 16.31 31.58
CA ILE C 241 -5.61 15.04 32.24
C ILE C 241 -4.17 14.95 32.77
N LYS C 242 -3.22 15.51 31.99
CA LYS C 242 -1.81 15.49 32.39
C LYS C 242 -1.62 16.28 33.66
N GLN C 243 -2.47 17.29 33.85
CA GLN C 243 -2.40 18.13 35.03
C GLN C 243 -3.11 17.48 36.20
N ARG C 244 -4.03 16.56 35.90
CA ARG C 244 -4.77 15.85 36.93
C ARG C 244 -3.91 14.72 37.47
N PHE C 245 -2.82 14.44 36.76
CA PHE C 245 -1.87 13.40 37.14
C PHE C 245 -0.47 13.97 36.99
N PRO C 246 -0.11 14.93 37.86
CA PRO C 246 1.21 15.54 37.81
C PRO C 246 2.33 14.52 37.88
N GLY C 247 3.41 14.78 37.17
CA GLY C 247 4.56 13.88 37.20
C GLY C 247 4.39 12.55 36.50
N MET C 248 3.14 12.12 36.30
CA MET C 248 2.91 10.83 35.64
C MET C 248 2.90 10.94 34.12
N THR C 249 3.33 9.86 33.48
CA THR C 249 3.39 9.79 32.04
C THR C 249 2.21 8.99 31.51
N PRO C 250 1.89 9.15 30.22
CA PRO C 250 0.76 8.42 29.63
C PRO C 250 0.51 7.02 30.19
N ALA C 251 1.48 6.12 30.05
CA ALA C 251 1.34 4.75 30.54
C ALA C 251 1.01 4.62 32.02
N GLN C 252 1.58 5.49 32.84
CA GLN C 252 1.32 5.44 34.28
C GLN C 252 -0.14 5.79 34.49
N ILE C 253 -0.56 6.88 33.86
CA ILE C 253 -1.93 7.37 33.91
C ILE C 253 -2.87 6.27 33.41
N ARG C 254 -2.45 5.62 32.33
CA ARG C 254 -3.19 4.55 31.68
C ARG C 254 -3.30 3.28 32.54
N ARG C 255 -2.29 3.06 33.40
CA ARG C 255 -2.31 1.89 34.26
C ARG C 255 -3.26 2.17 35.42
N TYR C 256 -3.32 3.44 35.80
CA TYR C 256 -4.18 3.87 36.89
C TYR C 256 -5.64 3.71 36.49
N ALA C 257 -6.00 4.26 35.33
CA ALA C 257 -7.38 4.21 34.84
C ALA C 257 -7.93 2.80 34.62
N GLU C 258 -7.08 1.80 34.55
CA GLU C 258 -7.55 0.42 34.34
C GLU C 258 -8.51 0.02 35.46
N ARG C 259 -8.36 0.64 36.62
CA ARG C 259 -9.23 0.34 37.76
C ARG C 259 -10.69 0.59 37.42
N TRP C 260 -10.94 1.68 36.72
CA TRP C 260 -12.30 2.06 36.34
C TRP C 260 -12.96 1.32 35.21
N LYS C 261 -12.25 0.36 34.61
CA LYS C 261 -12.83 -0.42 33.51
C LYS C 261 -14.12 -1.08 34.00
N PRO C 262 -15.12 -1.28 33.11
CA PRO C 262 -15.15 -0.97 31.67
C PRO C 262 -15.87 0.34 31.36
N TRP C 263 -15.80 1.31 32.29
CA TRP C 263 -16.46 2.60 32.11
C TRP C 263 -15.47 3.76 32.17
N ARG C 264 -14.27 3.53 31.63
CA ARG C 264 -13.22 4.55 31.64
C ARG C 264 -13.61 5.86 30.96
N SER C 265 -14.51 5.79 29.97
CA SER C 265 -14.94 7.00 29.29
C SER C 265 -15.67 7.90 30.28
N TYR C 266 -16.44 7.30 31.18
CA TYR C 266 -17.18 8.05 32.18
C TYR C 266 -16.22 8.60 33.24
N ALA C 267 -15.36 7.72 33.75
CA ALA C 267 -14.39 8.12 34.73
C ALA C 267 -13.72 9.39 34.21
N LEU C 268 -13.15 9.27 33.01
CA LEU C 268 -12.47 10.38 32.36
C LEU C 268 -13.24 11.69 32.45
N LEU C 269 -14.55 11.64 32.25
CA LEU C 269 -15.35 12.86 32.31
C LEU C 269 -15.36 13.47 33.71
N HIS C 270 -15.56 12.62 34.71
CA HIS C 270 -15.60 13.08 36.10
C HIS C 270 -14.28 13.72 36.53
N ILE C 271 -13.17 13.01 36.33
CA ILE C 271 -11.86 13.54 36.69
C ILE C 271 -11.65 14.85 35.95
N TRP C 272 -12.30 14.96 34.79
CA TRP C 272 -12.22 16.17 33.97
C TRP C 272 -12.99 17.31 34.63
N TYR C 273 -14.16 16.99 35.18
CA TYR C 273 -14.99 17.99 35.82
C TYR C 273 -15.00 17.95 37.35
N THR C 274 -13.80 17.95 37.91
CA THR C 274 -13.56 17.95 39.35
C THR C 274 -12.16 18.52 39.48
N GLU C 275 -12.07 19.86 39.49
CA GLU C 275 -10.79 20.54 39.57
C GLU C 275 -9.87 20.09 40.70
N GLY C 276 -10.48 19.64 41.79
CA GLY C 276 -9.69 19.19 42.93
C GLY C 276 -9.00 17.85 42.78
N TRP C 277 -9.73 16.86 42.28
CA TRP C 277 -9.23 15.50 42.11
C TRP C 277 -7.72 15.37 41.92
N GLN C 278 -7.20 14.25 42.41
CA GLN C 278 -5.79 13.91 42.34
C GLN C 278 -5.73 12.42 42.68
N PRO C 279 -4.87 11.67 41.99
CA PRO C 279 -4.72 10.23 42.23
C PRO C 279 -4.33 9.80 43.66
N ASP C 280 -4.43 8.51 43.92
CA ASP C 280 -4.08 7.94 45.22
C ASP C 280 -2.66 7.40 45.14
N GLU C 281 -1.68 8.29 45.32
CA GLU C 281 -0.27 7.94 45.26
C GLU C 281 -0.03 6.55 45.84
N ALA C 282 -0.03 5.54 44.96
CA ALA C 282 0.17 4.15 45.35
C ALA C 282 1.46 3.93 46.11
N MET D 1 45.00 -13.78 -16.99
CA MET D 1 46.09 -12.76 -16.80
C MET D 1 45.68 -11.34 -17.23
N TYR D 2 44.54 -10.89 -16.73
CA TYR D 2 44.05 -9.54 -17.02
C TYR D 2 44.71 -8.53 -16.08
N THR D 3 44.57 -7.24 -16.35
CA THR D 3 45.21 -6.27 -15.48
C THR D 3 44.52 -4.91 -15.34
N LEU D 4 44.46 -4.41 -14.10
CA LEU D 4 43.82 -3.12 -13.78
C LEU D 4 44.75 -2.19 -12.99
N ASN D 5 44.52 -0.89 -13.15
CA ASN D 5 45.32 0.14 -12.48
C ASN D 5 44.69 0.61 -11.18
N TRP D 6 45.54 1.16 -10.30
CA TRP D 6 45.10 1.74 -9.04
C TRP D 6 46.05 2.90 -8.78
N GLN D 7 45.61 3.90 -8.04
CA GLN D 7 46.48 5.04 -7.76
C GLN D 7 47.12 4.85 -6.39
N PRO D 8 48.41 5.17 -6.27
CA PRO D 8 49.11 5.00 -4.99
C PRO D 8 48.87 6.18 -4.06
N PRO D 9 49.05 5.96 -2.74
CA PRO D 9 49.46 4.66 -2.20
C PRO D 9 48.28 3.72 -2.02
N TYR D 10 48.57 2.45 -1.79
CA TYR D 10 47.56 1.43 -1.56
C TYR D 10 48.15 0.45 -0.55
N ASP D 11 47.52 0.36 0.62
CA ASP D 11 47.98 -0.53 1.68
C ASP D 11 47.36 -1.92 1.48
N TRP D 12 48.03 -2.75 0.67
CA TRP D 12 47.53 -4.09 0.39
C TRP D 12 47.57 -4.96 1.62
N SER D 13 48.64 -4.82 2.39
CA SER D 13 48.81 -5.57 3.61
C SER D 13 47.57 -5.36 4.47
N TRP D 14 47.14 -4.11 4.62
CA TRP D 14 45.96 -3.80 5.42
C TRP D 14 44.69 -4.43 4.81
N MET D 15 44.49 -4.23 3.51
CA MET D 15 43.33 -4.74 2.81
C MET D 15 43.23 -6.25 2.88
N LEU D 16 44.29 -6.93 2.43
CA LEU D 16 44.30 -8.38 2.48
C LEU D 16 44.03 -8.87 3.92
N GLY D 17 44.53 -8.11 4.90
CA GLY D 17 44.33 -8.47 6.28
C GLY D 17 42.87 -8.40 6.64
N PHE D 18 42.21 -7.34 6.20
CA PHE D 18 40.79 -7.17 6.49
C PHE D 18 39.97 -8.30 5.88
N LEU D 19 40.27 -8.67 4.63
CA LEU D 19 39.55 -9.74 3.94
C LEU D 19 39.96 -11.09 4.55
N ALA D 20 41.24 -11.20 4.91
CA ALA D 20 41.76 -12.42 5.51
C ALA D 20 40.93 -12.82 6.73
N ALA D 21 40.75 -11.89 7.66
CA ALA D 21 39.99 -12.16 8.87
C ALA D 21 38.56 -12.63 8.62
N ARG D 22 37.97 -12.13 7.53
CA ARG D 22 36.58 -12.45 7.22
C ARG D 22 36.40 -13.52 6.16
N ALA D 23 37.52 -14.07 5.70
CA ALA D 23 37.51 -15.11 4.67
C ALA D 23 36.61 -16.28 5.06
N VAL D 24 35.70 -16.63 4.16
CA VAL D 24 34.75 -17.72 4.38
C VAL D 24 35.31 -18.96 3.70
N SER D 25 35.69 -19.94 4.52
CA SER D 25 36.30 -21.21 4.06
C SER D 25 35.69 -21.86 2.81
N SER D 26 36.57 -22.22 1.87
CA SER D 26 36.20 -22.85 0.59
C SER D 26 35.78 -21.81 -0.45
N VAL D 27 35.21 -20.71 0.02
CA VAL D 27 34.76 -19.63 -0.86
C VAL D 27 35.91 -18.72 -1.27
N GLU D 28 36.66 -18.23 -0.28
CA GLU D 28 37.78 -17.34 -0.53
C GLU D 28 39.06 -17.89 0.07
N THR D 29 40.19 -17.58 -0.55
CA THR D 29 41.49 -18.02 -0.05
C THR D 29 42.33 -16.75 0.01
N VAL D 30 42.63 -16.26 1.21
CA VAL D 30 43.43 -15.04 1.31
C VAL D 30 44.83 -15.28 1.86
N ALA D 31 45.82 -14.76 1.15
CA ALA D 31 47.23 -14.89 1.51
C ALA D 31 47.95 -13.55 1.36
N ASP D 32 49.24 -13.55 1.66
CA ASP D 32 50.03 -12.33 1.60
C ASP D 32 50.21 -11.71 0.22
N SER D 33 50.37 -12.55 -0.79
CA SER D 33 50.60 -12.02 -2.13
C SER D 33 49.43 -12.15 -3.11
N TYR D 34 48.31 -12.69 -2.64
CA TYR D 34 47.14 -12.83 -3.52
C TYR D 34 45.82 -13.15 -2.85
N TYR D 35 44.74 -12.85 -3.57
CA TYR D 35 43.38 -13.12 -3.11
C TYR D 35 42.77 -14.02 -4.19
N ALA D 36 41.87 -14.90 -3.80
CA ALA D 36 41.23 -15.78 -4.75
C ALA D 36 39.91 -16.26 -4.19
N ARG D 37 38.90 -16.39 -5.03
CA ARG D 37 37.61 -16.85 -4.55
C ARG D 37 36.80 -17.48 -5.67
N SER D 38 35.73 -18.16 -5.28
CA SER D 38 34.84 -18.79 -6.24
C SER D 38 34.02 -17.62 -6.73
N LEU D 39 33.64 -17.62 -8.00
CA LEU D 39 32.86 -16.52 -8.52
C LEU D 39 31.78 -16.93 -9.49
N ALA D 40 30.55 -16.56 -9.19
CA ALA D 40 29.44 -16.90 -10.07
C ALA D 40 28.87 -15.66 -10.74
N VAL D 41 28.50 -15.79 -12.01
CA VAL D 41 27.91 -14.69 -12.77
C VAL D 41 26.87 -15.36 -13.64
N GLY D 42 25.63 -15.26 -13.23
CA GLY D 42 24.59 -15.92 -13.98
C GLY D 42 24.82 -17.38 -13.73
N GLU D 43 25.31 -18.10 -14.73
CA GLU D 43 25.57 -19.52 -14.56
C GLU D 43 26.96 -19.91 -15.01
N TYR D 44 27.78 -18.89 -15.23
CA TYR D 44 29.17 -19.06 -15.58
C TYR D 44 29.81 -19.08 -14.21
N ARG D 45 30.70 -20.05 -13.97
CA ARG D 45 31.33 -20.15 -12.68
C ARG D 45 32.78 -20.49 -12.85
N GLY D 46 33.57 -20.10 -11.86
CA GLY D 46 34.99 -20.36 -11.90
C GLY D 46 35.63 -19.81 -10.66
N VAL D 47 36.93 -19.60 -10.74
CA VAL D 47 37.71 -19.09 -9.63
C VAL D 47 38.53 -17.88 -10.06
N VAL D 48 38.44 -16.81 -9.27
CA VAL D 48 39.17 -15.59 -9.54
C VAL D 48 40.38 -15.52 -8.63
N THR D 49 41.49 -15.04 -9.19
CA THR D 49 42.73 -14.88 -8.45
C THR D 49 43.27 -13.47 -8.69
N ALA D 50 43.42 -12.70 -7.63
CA ALA D 50 43.92 -11.34 -7.74
C ALA D 50 45.32 -11.27 -7.15
N ILE D 51 46.24 -10.74 -7.92
CA ILE D 51 47.62 -10.64 -7.47
C ILE D 51 48.12 -9.22 -7.65
N PRO D 52 48.29 -8.49 -6.56
CA PRO D 52 48.78 -7.11 -6.68
C PRO D 52 50.24 -7.01 -7.11
N ASP D 53 50.53 -5.98 -7.91
CA ASP D 53 51.88 -5.74 -8.40
C ASP D 53 52.23 -4.31 -7.97
N ILE D 54 52.77 -4.17 -6.76
CA ILE D 54 53.12 -2.89 -6.20
C ILE D 54 54.06 -2.14 -7.11
N ALA D 55 54.98 -2.89 -7.70
CA ALA D 55 55.97 -2.31 -8.60
C ALA D 55 55.29 -1.50 -9.69
N ARG D 56 54.39 -2.13 -10.42
CA ARG D 56 53.69 -1.48 -11.51
C ARG D 56 52.32 -0.85 -11.14
N HIS D 57 52.08 -0.58 -9.85
CA HIS D 57 50.82 0.02 -9.40
C HIS D 57 49.63 -0.60 -10.15
N THR D 58 49.72 -1.91 -10.34
CA THR D 58 48.72 -2.64 -11.10
C THR D 58 48.18 -3.86 -10.37
N LEU D 59 46.99 -4.31 -10.75
CA LEU D 59 46.41 -5.51 -10.16
C LEU D 59 46.18 -6.51 -11.30
N HIS D 60 46.75 -7.70 -11.15
CA HIS D 60 46.60 -8.75 -12.15
C HIS D 60 45.48 -9.69 -11.73
N ILE D 61 44.48 -9.82 -12.57
CA ILE D 61 43.34 -10.68 -12.26
C ILE D 61 43.36 -11.86 -13.21
N ASN D 62 43.26 -13.07 -12.67
CA ASN D 62 43.22 -14.21 -13.55
C ASN D 62 41.93 -14.96 -13.33
N LEU D 63 41.29 -15.34 -14.44
CA LEU D 63 40.05 -16.08 -14.38
C LEU D 63 40.25 -17.47 -14.93
N SER D 64 39.51 -18.42 -14.38
CA SER D 64 39.61 -19.79 -14.86
C SER D 64 39.01 -19.83 -16.27
N ALA D 65 38.27 -20.89 -16.60
CA ALA D 65 37.69 -20.99 -17.94
C ALA D 65 36.19 -20.75 -17.94
N GLY D 66 35.52 -21.23 -16.89
CA GLY D 66 34.08 -21.04 -16.82
C GLY D 66 33.66 -19.61 -16.52
N LEU D 67 34.62 -18.68 -16.56
CA LEU D 67 34.33 -17.26 -16.30
C LEU D 67 34.74 -16.36 -17.45
N GLU D 68 35.62 -16.85 -18.31
CA GLU D 68 36.07 -16.07 -19.45
C GLU D 68 34.95 -15.45 -20.30
N PRO D 69 33.82 -16.16 -20.47
CA PRO D 69 32.74 -15.59 -21.27
C PRO D 69 32.26 -14.25 -20.72
N VAL D 70 32.30 -14.12 -19.40
CA VAL D 70 31.87 -12.90 -18.72
C VAL D 70 33.02 -12.23 -17.98
N ALA D 71 34.21 -12.26 -18.59
CA ALA D 71 35.40 -11.66 -17.99
C ALA D 71 35.21 -10.22 -17.47
N ALA D 72 34.72 -9.33 -18.33
CA ALA D 72 34.50 -7.94 -17.98
C ALA D 72 33.71 -7.71 -16.69
N GLU D 73 32.61 -8.44 -16.51
CA GLU D 73 31.84 -8.22 -15.28
C GLU D 73 32.63 -8.72 -14.05
N CYS D 74 33.46 -9.75 -14.27
CA CYS D 74 34.29 -10.28 -13.18
C CYS D 74 35.27 -9.20 -12.78
N LEU D 75 35.88 -8.58 -13.80
CA LEU D 75 36.85 -7.53 -13.55
C LEU D 75 36.18 -6.38 -12.81
N ALA D 76 34.95 -6.05 -13.20
CA ALA D 76 34.23 -4.95 -12.55
C ALA D 76 34.00 -5.32 -11.09
N LYS D 77 33.73 -6.60 -10.84
CA LYS D 77 33.49 -7.08 -9.48
C LYS D 77 34.74 -6.94 -8.60
N MET D 78 35.91 -7.25 -9.15
CA MET D 78 37.11 -7.13 -8.34
C MET D 78 37.45 -5.66 -8.08
N SER D 79 37.16 -4.81 -9.07
CA SER D 79 37.49 -3.39 -8.92
C SER D 79 36.61 -2.75 -7.87
N ARG D 80 35.45 -3.33 -7.62
CA ARG D 80 34.58 -2.79 -6.58
C ARG D 80 35.05 -3.33 -5.22
N LEU D 81 35.47 -4.59 -5.20
CA LEU D 81 35.94 -5.17 -3.95
C LEU D 81 37.20 -4.47 -3.46
N PHE D 82 38.11 -4.16 -4.37
CA PHE D 82 39.37 -3.54 -4.00
C PHE D 82 39.48 -2.04 -4.08
N ASP D 83 38.34 -1.38 -4.26
CA ASP D 83 38.28 0.08 -4.33
C ASP D 83 39.31 0.72 -5.28
N LEU D 84 39.46 0.13 -6.46
CA LEU D 84 40.42 0.62 -7.44
C LEU D 84 40.20 2.06 -7.92
N GLN D 85 38.97 2.55 -7.83
CA GLN D 85 38.67 3.90 -8.28
C GLN D 85 39.22 4.99 -7.38
N CYS D 86 39.45 4.66 -6.12
CA CYS D 86 39.93 5.62 -5.14
C CYS D 86 41.15 6.45 -5.48
N ASN D 87 41.00 7.76 -5.30
CA ASN D 87 42.08 8.73 -5.49
C ASN D 87 42.49 9.07 -4.06
N PRO D 88 43.51 8.39 -3.51
CA PRO D 88 43.87 8.73 -2.13
C PRO D 88 44.29 10.19 -1.90
N GLN D 89 44.91 10.80 -2.90
CA GLN D 89 45.34 12.19 -2.76
C GLN D 89 44.11 13.09 -2.48
N ILE D 90 42.95 12.68 -2.97
CA ILE D 90 41.71 13.45 -2.77
C ILE D 90 41.04 13.20 -1.40
N VAL D 91 40.98 11.95 -0.97
CA VAL D 91 40.35 11.63 0.31
C VAL D 91 41.16 12.18 1.50
N ASN D 92 42.47 11.98 1.46
CA ASN D 92 43.34 12.45 2.52
C ASN D 92 43.44 13.95 2.50
N GLY D 93 43.37 14.53 1.31
CA GLY D 93 43.42 15.97 1.20
C GLY D 93 42.21 16.54 1.92
N ALA D 94 41.22 15.69 2.16
CA ALA D 94 40.00 16.10 2.83
C ALA D 94 39.96 15.65 4.29
N LEU D 95 40.27 14.39 4.56
CA LEU D 95 40.24 13.90 5.95
C LEU D 95 41.34 14.56 6.78
N GLY D 96 42.45 14.93 6.13
CA GLY D 96 43.54 15.55 6.83
C GLY D 96 44.21 14.63 7.85
N ARG D 97 44.47 15.17 9.04
CA ARG D 97 45.11 14.44 10.14
C ARG D 97 44.65 12.99 10.26
N LEU D 98 43.35 12.81 10.43
CA LEU D 98 42.76 11.49 10.60
C LEU D 98 43.32 10.38 9.71
N GLY D 99 43.63 10.69 8.45
CA GLY D 99 44.13 9.69 7.53
C GLY D 99 45.60 9.74 7.13
N ALA D 100 46.37 10.59 7.81
CA ALA D 100 47.79 10.73 7.51
C ALA D 100 48.61 9.47 7.85
N ALA D 101 48.18 8.72 8.86
CA ALA D 101 48.91 7.54 9.27
C ALA D 101 48.76 6.33 8.35
N ARG D 102 47.60 6.19 7.69
CA ARG D 102 47.37 5.05 6.80
C ARG D 102 46.76 5.56 5.50
N PRO D 103 47.50 6.40 4.78
CA PRO D 103 47.05 7.00 3.51
C PRO D 103 46.67 5.99 2.45
N GLY D 104 47.07 4.75 2.63
CA GLY D 104 46.76 3.72 1.65
C GLY D 104 45.49 2.96 1.94
N LEU D 105 44.72 3.45 2.90
CA LEU D 105 43.46 2.82 3.29
C LEU D 105 42.51 2.81 2.10
N ARG D 106 41.72 1.75 1.99
CA ARG D 106 40.75 1.63 0.91
C ARG D 106 39.47 1.10 1.52
N LEU D 107 38.36 1.17 0.80
CA LEU D 107 37.11 0.67 1.31
C LEU D 107 36.90 -0.76 0.79
N PRO D 108 36.93 -1.77 1.70
CA PRO D 108 36.74 -3.18 1.32
C PRO D 108 35.34 -3.40 0.75
N GLY D 109 35.27 -3.63 -0.55
CA GLY D 109 33.97 -3.82 -1.15
C GLY D 109 33.34 -5.16 -0.93
N CYS D 110 32.76 -5.67 -2.01
CA CYS D 110 32.13 -6.97 -2.04
C CYS D 110 32.08 -7.25 -3.53
N VAL D 111 31.85 -8.50 -3.87
CA VAL D 111 31.79 -8.90 -5.26
C VAL D 111 30.35 -9.05 -5.72
N ASP D 112 29.40 -9.00 -4.79
CA ASP D 112 27.98 -9.16 -5.10
C ASP D 112 27.13 -8.59 -3.95
N ALA D 113 26.17 -7.72 -4.24
CA ALA D 113 25.36 -7.13 -3.17
C ALA D 113 24.55 -8.11 -2.35
N PHE D 114 24.09 -9.20 -2.98
CA PHE D 114 23.33 -10.18 -2.21
C PHE D 114 24.22 -10.82 -1.14
N GLU D 115 25.37 -11.34 -1.54
CA GLU D 115 26.33 -11.97 -0.63
C GLU D 115 26.62 -11.06 0.55
N GLN D 116 27.03 -9.84 0.23
CA GLN D 116 27.37 -8.85 1.24
C GLN D 116 26.18 -8.69 2.17
N GLY D 117 24.98 -8.78 1.60
CA GLY D 117 23.78 -8.67 2.40
C GLY D 117 23.71 -9.80 3.41
N VAL D 118 24.02 -11.01 2.96
CA VAL D 118 23.99 -12.18 3.83
C VAL D 118 25.06 -12.06 4.90
N ARG D 119 26.26 -11.64 4.50
CA ARG D 119 27.34 -11.48 5.46
C ARG D 119 27.02 -10.42 6.50
N ALA D 120 26.33 -9.37 6.07
CA ALA D 120 25.99 -8.33 7.02
C ALA D 120 25.14 -8.96 8.11
N ILE D 121 24.02 -9.54 7.71
CA ILE D 121 23.12 -10.18 8.68
C ILE D 121 23.82 -11.23 9.55
N LEU D 122 24.53 -12.17 8.92
CA LEU D 122 25.23 -13.19 9.68
C LEU D 122 26.36 -12.65 10.56
N GLY D 123 26.55 -11.33 10.58
CA GLY D 123 27.61 -10.76 11.38
C GLY D 123 27.08 -9.88 12.49
N GLN D 124 25.78 -9.97 12.71
CA GLN D 124 25.12 -9.20 13.75
C GLN D 124 25.38 -9.83 15.12
N LEU D 125 25.77 -9.02 16.09
CA LEU D 125 25.99 -9.50 17.46
C LEU D 125 27.19 -10.44 17.70
N VAL D 126 27.44 -11.37 16.79
CA VAL D 126 28.57 -12.29 16.96
C VAL D 126 29.92 -11.64 16.65
N SER D 127 31.00 -12.35 16.97
CA SER D 127 32.35 -11.87 16.74
C SER D 127 32.68 -12.03 15.26
N VAL D 128 33.77 -11.43 14.82
CA VAL D 128 34.17 -11.54 13.44
C VAL D 128 34.44 -13.00 13.08
N ALA D 129 35.53 -13.56 13.61
CA ALA D 129 35.90 -14.96 13.33
C ALA D 129 34.69 -15.89 13.44
N MET D 130 33.76 -15.55 14.32
CA MET D 130 32.59 -16.38 14.48
C MET D 130 31.79 -16.29 13.19
N ALA D 131 31.32 -15.09 12.88
CA ALA D 131 30.52 -14.86 11.67
C ALA D 131 31.13 -15.55 10.45
N ALA D 132 32.46 -15.58 10.40
CA ALA D 132 33.14 -16.20 9.29
C ALA D 132 32.83 -17.69 9.23
N LYS D 133 33.11 -18.38 10.32
CA LYS D 133 32.89 -19.82 10.39
C LYS D 133 31.42 -20.17 10.14
N LEU D 134 30.51 -19.35 10.65
CA LEU D 134 29.09 -19.58 10.47
C LEU D 134 28.76 -19.45 8.99
N THR D 135 29.05 -18.27 8.45
CA THR D 135 28.81 -18.00 7.04
C THR D 135 29.36 -19.14 6.19
N ALA D 136 30.48 -19.71 6.62
CA ALA D 136 31.13 -20.79 5.88
C ALA D 136 30.28 -22.04 5.83
N ARG D 137 29.44 -22.22 6.84
CA ARG D 137 28.56 -23.37 6.92
C ARG D 137 27.44 -23.17 5.94
N VAL D 138 26.87 -21.99 5.93
CA VAL D 138 25.79 -21.71 5.01
C VAL D 138 26.27 -21.97 3.59
N ALA D 139 27.45 -21.46 3.28
CA ALA D 139 28.04 -21.63 1.96
C ALA D 139 28.28 -23.10 1.71
N GLN D 140 28.46 -23.86 2.78
CA GLN D 140 28.70 -25.29 2.71
C GLN D 140 27.43 -26.05 2.31
N LEU D 141 26.31 -25.67 2.90
CA LEU D 141 25.04 -26.33 2.65
C LEU D 141 24.30 -25.86 1.41
N TYR D 142 24.63 -24.68 0.89
CA TYR D 142 23.91 -24.15 -0.28
C TYR D 142 24.80 -23.81 -1.47
N GLY D 143 26.11 -23.87 -1.26
CA GLY D 143 27.04 -23.54 -2.32
C GLY D 143 27.05 -24.46 -3.53
N GLU D 144 27.26 -23.86 -4.70
CA GLU D 144 27.32 -24.63 -5.92
C GLU D 144 28.79 -24.97 -6.13
N ARG D 145 29.18 -26.19 -5.78
CA ARG D 145 30.56 -26.61 -5.92
C ARG D 145 30.98 -26.66 -7.40
N LEU D 146 32.24 -26.27 -7.67
CA LEU D 146 32.77 -26.23 -9.04
C LEU D 146 33.30 -27.59 -9.52
N ASP D 147 32.91 -27.97 -10.74
CA ASP D 147 33.35 -29.24 -11.32
C ASP D 147 34.72 -29.09 -11.98
N ASP D 148 35.36 -27.96 -11.72
CA ASP D 148 36.68 -27.69 -12.30
C ASP D 148 37.67 -27.35 -11.19
N PHE D 149 37.12 -27.10 -10.01
CA PHE D 149 37.89 -26.77 -8.81
C PHE D 149 37.01 -27.16 -7.62
N PRO D 150 36.79 -28.47 -7.43
CA PRO D 150 35.97 -28.97 -6.32
C PRO D 150 36.36 -28.42 -4.96
N GLU D 151 37.62 -27.99 -4.84
CA GLU D 151 38.11 -27.43 -3.59
C GLU D 151 37.31 -26.18 -3.25
N TYR D 152 37.09 -25.34 -4.27
CA TYR D 152 36.30 -24.12 -4.10
C TYR D 152 34.81 -24.42 -4.19
N ILE D 153 34.01 -23.43 -3.82
CA ILE D 153 32.56 -23.56 -3.84
C ILE D 153 31.94 -22.17 -3.98
N CYS D 154 30.87 -22.06 -4.77
CA CYS D 154 30.21 -20.79 -5.00
C CYS D 154 29.39 -20.36 -3.82
N PHE D 155 29.21 -19.05 -3.67
CA PHE D 155 28.41 -18.53 -2.55
C PHE D 155 26.95 -18.83 -2.87
N PRO D 156 26.14 -19.08 -1.83
CA PRO D 156 24.72 -19.36 -2.07
C PRO D 156 24.10 -18.31 -2.97
N THR D 157 23.05 -18.70 -3.70
CA THR D 157 22.34 -17.78 -4.59
C THR D 157 21.02 -17.40 -3.92
N PRO D 158 20.36 -16.35 -4.40
CA PRO D 158 19.10 -15.99 -3.75
C PRO D 158 18.02 -17.06 -3.83
N GLN D 159 17.95 -17.76 -4.95
CA GLN D 159 16.92 -18.79 -5.13
C GLN D 159 17.26 -20.08 -4.39
N ARG D 160 18.55 -20.38 -4.28
CA ARG D 160 18.98 -21.59 -3.59
C ARG D 160 18.81 -21.38 -2.11
N LEU D 161 18.65 -20.12 -1.70
CA LEU D 161 18.52 -19.80 -0.29
C LEU D 161 17.10 -19.32 0.02
N ALA D 162 16.34 -18.99 -1.01
CA ALA D 162 14.97 -18.53 -0.82
C ALA D 162 14.07 -19.74 -0.61
N ALA D 163 14.58 -20.89 -1.04
CA ALA D 163 13.88 -22.16 -0.93
C ALA D 163 14.45 -22.96 0.24
N ALA D 164 15.11 -22.26 1.15
CA ALA D 164 15.71 -22.90 2.31
C ALA D 164 14.76 -22.95 3.48
N ASP D 165 14.80 -24.06 4.21
CA ASP D 165 13.95 -24.25 5.37
C ASP D 165 14.61 -23.55 6.56
N PRO D 166 13.91 -22.60 7.19
CA PRO D 166 14.46 -21.87 8.33
C PRO D 166 15.17 -22.78 9.32
N GLN D 167 14.40 -23.65 9.98
CA GLN D 167 14.96 -24.58 10.95
C GLN D 167 16.32 -25.08 10.50
N ALA D 168 16.39 -25.60 9.28
CA ALA D 168 17.65 -26.11 8.74
C ALA D 168 18.76 -25.04 8.88
N LEU D 169 18.41 -23.79 8.61
CA LEU D 169 19.36 -22.68 8.72
C LEU D 169 19.71 -22.42 10.17
N LYS D 170 18.69 -22.26 11.01
CA LYS D 170 18.90 -22.03 12.44
C LYS D 170 19.81 -23.09 13.02
N ALA D 171 19.56 -24.34 12.62
CA ALA D 171 20.35 -25.48 13.06
C ALA D 171 21.84 -25.25 12.83
N LEU D 172 22.18 -24.36 11.90
CA LEU D 172 23.58 -24.09 11.62
C LEU D 172 24.18 -23.20 12.73
N GLY D 173 23.33 -22.54 13.50
CA GLY D 173 23.84 -21.72 14.59
C GLY D 173 23.44 -20.26 14.60
N MET D 174 22.15 -19.98 14.47
CA MET D 174 21.67 -18.62 14.47
C MET D 174 20.21 -18.61 14.91
N PRO D 175 19.75 -17.55 15.57
CA PRO D 175 18.36 -17.52 16.02
C PRO D 175 17.44 -17.76 14.83
N LEU D 176 16.15 -17.98 15.08
CA LEU D 176 15.21 -18.20 13.99
C LEU D 176 14.98 -16.87 13.28
N LYS D 177 14.58 -15.86 14.06
CA LYS D 177 14.30 -14.51 13.57
C LYS D 177 15.27 -14.05 12.48
N ARG D 178 16.54 -14.40 12.66
CA ARG D 178 17.57 -14.03 11.71
C ARG D 178 17.58 -14.96 10.51
N ALA D 179 17.46 -16.26 10.75
CA ALA D 179 17.45 -17.21 9.64
C ALA D 179 16.35 -16.78 8.66
N GLU D 180 15.26 -16.23 9.22
CA GLU D 180 14.13 -15.74 8.44
C GLU D 180 14.60 -14.52 7.65
N ALA D 181 15.37 -13.67 8.31
CA ALA D 181 15.92 -12.46 7.70
C ALA D 181 16.62 -12.80 6.40
N LEU D 182 17.39 -13.87 6.41
CA LEU D 182 18.08 -14.26 5.18
C LEU D 182 17.02 -14.59 4.15
N ILE D 183 16.30 -15.68 4.38
CA ILE D 183 15.25 -16.12 3.47
C ILE D 183 14.53 -14.93 2.84
N HIS D 184 14.15 -13.95 3.65
CA HIS D 184 13.47 -12.77 3.12
C HIS D 184 14.39 -12.04 2.15
N LEU D 185 15.54 -11.64 2.65
CA LEU D 185 16.51 -10.93 1.83
C LEU D 185 16.73 -11.65 0.51
N ALA D 186 16.70 -12.98 0.56
CA ALA D 186 16.87 -13.79 -0.64
C ALA D 186 15.75 -13.51 -1.63
N ASN D 187 14.51 -13.44 -1.16
CA ASN D 187 13.39 -13.19 -2.05
C ASN D 187 13.53 -11.81 -2.67
N ALA D 188 13.78 -10.81 -1.82
CA ALA D 188 13.95 -9.44 -2.27
C ALA D 188 14.97 -9.40 -3.42
N ALA D 189 16.03 -10.20 -3.30
CA ALA D 189 17.08 -10.27 -4.30
C ALA D 189 16.57 -10.93 -5.58
N LEU D 190 15.69 -11.92 -5.41
CA LEU D 190 15.08 -12.64 -6.52
C LEU D 190 14.28 -11.70 -7.40
N GLU D 191 13.41 -10.90 -6.79
CA GLU D 191 12.57 -9.98 -7.55
C GLU D 191 13.15 -8.59 -7.81
N GLY D 192 14.48 -8.46 -7.71
CA GLY D 192 15.13 -7.18 -7.96
C GLY D 192 14.80 -6.02 -7.04
N THR D 193 14.33 -6.30 -5.83
CA THR D 193 13.97 -5.27 -4.86
C THR D 193 15.14 -4.91 -3.94
N LEU D 194 16.27 -5.56 -4.15
CA LEU D 194 17.47 -5.30 -3.37
C LEU D 194 18.48 -4.70 -4.33
N PRO D 195 18.66 -3.38 -4.26
CA PRO D 195 19.61 -2.69 -5.15
C PRO D 195 20.94 -3.42 -5.20
N MET D 196 21.36 -3.86 -6.38
CA MET D 196 22.63 -4.57 -6.51
C MET D 196 23.80 -3.60 -6.75
N THR D 197 23.47 -2.36 -7.10
CA THR D 197 24.47 -1.32 -7.32
C THR D 197 24.03 -0.09 -6.52
N ILE D 198 24.98 0.78 -6.17
CA ILE D 198 24.63 1.96 -5.37
C ILE D 198 23.59 2.86 -6.01
N PRO D 199 22.51 3.13 -5.28
CA PRO D 199 21.42 3.98 -5.76
C PRO D 199 21.73 5.46 -5.62
N GLY D 200 20.98 6.29 -6.35
CA GLY D 200 21.20 7.72 -6.28
C GLY D 200 20.96 8.30 -4.90
N ASP D 201 19.87 7.89 -4.25
CA ASP D 201 19.55 8.40 -2.94
C ASP D 201 19.90 7.36 -1.87
N VAL D 202 21.19 7.22 -1.59
CA VAL D 202 21.67 6.24 -0.61
C VAL D 202 20.97 6.25 0.75
N GLU D 203 20.52 7.41 1.20
CA GLU D 203 19.84 7.47 2.50
C GLU D 203 18.49 6.78 2.39
N GLN D 204 17.73 7.16 1.38
CA GLN D 204 16.42 6.59 1.13
C GLN D 204 16.49 5.08 0.98
N ALA D 205 17.38 4.60 0.10
CA ALA D 205 17.51 3.17 -0.12
C ALA D 205 17.80 2.43 1.18
N MET D 206 18.43 3.11 2.14
CA MET D 206 18.72 2.48 3.42
C MET D 206 17.46 2.41 4.29
N LYS D 207 16.63 3.44 4.20
CA LYS D 207 15.40 3.47 4.98
C LYS D 207 14.53 2.31 4.53
N THR D 208 14.47 2.11 3.21
CA THR D 208 13.70 1.03 2.62
C THR D 208 14.24 -0.33 3.06
N LEU D 209 15.56 -0.41 3.25
CA LEU D 209 16.17 -1.65 3.67
C LEU D 209 15.81 -1.93 5.11
N GLN D 210 15.60 -0.88 5.89
CA GLN D 210 15.26 -1.05 7.29
C GLN D 210 13.87 -1.63 7.55
N THR D 211 13.00 -1.60 6.55
CA THR D 211 11.68 -2.18 6.74
C THR D 211 11.82 -3.69 6.74
N PHE D 212 12.77 -4.19 5.96
CA PHE D 212 13.06 -5.62 5.86
C PHE D 212 13.15 -6.29 7.23
N PRO D 213 12.76 -7.58 7.33
CA PRO D 213 12.81 -8.31 8.59
C PRO D 213 14.23 -8.67 8.94
N GLY D 214 14.64 -8.35 10.17
CA GLY D 214 15.99 -8.65 10.63
C GLY D 214 17.02 -7.59 10.31
N ILE D 215 16.63 -6.54 9.61
CA ILE D 215 17.55 -5.47 9.23
C ILE D 215 17.27 -4.18 9.97
N GLY D 216 18.24 -3.70 10.73
CA GLY D 216 18.09 -2.45 11.45
C GLY D 216 19.05 -1.38 10.93
N ARG D 217 19.11 -0.23 11.56
CA ARG D 217 20.00 0.80 11.06
C ARG D 217 21.45 0.35 10.94
N TRP D 218 21.99 -0.32 11.96
CA TRP D 218 23.39 -0.75 11.84
C TRP D 218 23.62 -1.64 10.63
N THR D 219 22.70 -2.56 10.35
CA THR D 219 22.84 -3.48 9.23
C THR D 219 22.76 -2.73 7.89
N ALA D 220 21.79 -1.83 7.78
CA ALA D 220 21.59 -1.06 6.57
C ALA D 220 22.83 -0.21 6.28
N ASN D 221 23.27 0.55 7.28
CA ASN D 221 24.45 1.37 7.14
C ASN D 221 25.62 0.53 6.62
N TYR D 222 25.88 -0.58 7.31
CA TYR D 222 26.99 -1.46 6.97
C TYR D 222 26.80 -2.05 5.58
N PHE D 223 25.56 -2.37 5.23
CA PHE D 223 25.30 -2.95 3.91
C PHE D 223 25.65 -1.91 2.85
N ALA D 224 25.19 -0.68 3.04
CA ALA D 224 25.46 0.40 2.08
C ALA D 224 26.96 0.60 1.90
N LEU D 225 27.67 0.61 3.02
CA LEU D 225 29.09 0.82 3.02
C LEU D 225 29.85 -0.23 2.22
N ARG D 226 29.55 -1.50 2.44
CA ARG D 226 30.25 -2.58 1.75
C ARG D 226 29.55 -3.12 0.49
N GLY D 227 28.23 -3.22 0.55
CA GLY D 227 27.44 -3.73 -0.56
C GLY D 227 27.31 -2.78 -1.74
N TRP D 228 27.22 -1.48 -1.44
CA TRP D 228 27.13 -0.47 -2.48
C TRP D 228 28.45 0.29 -2.58
N GLN D 229 29.31 0.15 -1.58
CA GLN D 229 30.57 0.87 -1.52
C GLN D 229 30.26 2.36 -1.44
N ALA D 230 29.17 2.67 -0.73
CA ALA D 230 28.77 4.06 -0.50
C ALA D 230 29.92 4.70 0.27
N LYS D 231 30.40 5.83 -0.20
CA LYS D 231 31.53 6.50 0.43
C LYS D 231 31.26 7.45 1.58
N ASP D 232 30.00 7.82 1.80
CA ASP D 232 29.76 8.78 2.87
C ASP D 232 28.80 8.33 3.98
N VAL D 233 28.97 7.11 4.47
CA VAL D 233 28.12 6.63 5.56
C VAL D 233 29.01 6.36 6.76
N PHE D 234 28.48 6.61 7.95
CA PHE D 234 29.21 6.37 9.19
C PHE D 234 28.36 5.38 9.96
N LEU D 235 28.95 4.68 10.93
CA LEU D 235 28.20 3.71 11.72
C LEU D 235 28.20 4.06 13.19
N PRO D 236 27.41 5.07 13.57
CA PRO D 236 27.29 5.56 14.95
C PRO D 236 26.74 4.53 15.96
N ASP D 237 26.12 3.47 15.46
CA ASP D 237 25.53 2.43 16.31
C ASP D 237 26.44 1.23 16.47
N ASP D 238 27.61 1.30 15.84
CA ASP D 238 28.56 0.21 15.91
C ASP D 238 29.18 0.07 17.28
N TYR D 239 29.42 -1.17 17.67
CA TYR D 239 30.02 -1.54 18.94
C TYR D 239 31.33 -0.80 19.19
N LEU D 240 32.30 -1.01 18.30
CA LEU D 240 33.60 -0.37 18.43
C LEU D 240 33.50 1.14 18.34
N ILE D 241 32.67 1.63 17.44
CA ILE D 241 32.49 3.05 17.29
C ILE D 241 32.06 3.71 18.58
N LYS D 242 31.11 3.10 19.30
CA LYS D 242 30.67 3.66 20.57
C LYS D 242 31.84 3.82 21.56
N GLN D 243 32.77 2.87 21.53
CA GLN D 243 33.92 2.93 22.42
C GLN D 243 34.91 4.01 22.02
N ARG D 244 35.00 4.29 20.72
CA ARG D 244 35.92 5.30 20.23
C ARG D 244 35.40 6.68 20.61
N PHE D 245 34.07 6.79 20.78
CA PHE D 245 33.45 8.07 21.19
C PHE D 245 32.81 7.82 22.56
N PRO D 246 33.64 7.59 23.59
CA PRO D 246 33.19 7.34 24.96
C PRO D 246 32.08 8.25 25.46
N GLY D 247 30.98 7.63 25.90
CA GLY D 247 29.85 8.39 26.42
C GLY D 247 28.96 9.15 25.46
N MET D 248 29.34 9.21 24.19
CA MET D 248 28.51 9.93 23.22
C MET D 248 27.37 9.08 22.69
N THR D 249 26.28 9.75 22.38
CA THR D 249 25.09 9.09 21.84
C THR D 249 25.18 9.03 20.31
N PRO D 250 24.42 8.11 19.71
CA PRO D 250 24.43 7.96 18.26
C PRO D 250 24.36 9.31 17.55
N ALA D 251 23.45 10.18 18.00
CA ALA D 251 23.29 11.50 17.37
C ALA D 251 24.52 12.39 17.52
N GLN D 252 25.15 12.32 18.68
CA GLN D 252 26.35 13.12 18.92
C GLN D 252 27.44 12.63 17.97
N ILE D 253 27.70 11.34 18.01
CA ILE D 253 28.69 10.70 17.16
C ILE D 253 28.43 11.16 15.72
N ARG D 254 27.18 11.02 15.28
CA ARG D 254 26.79 11.41 13.93
C ARG D 254 27.02 12.91 13.70
N ARG D 255 26.72 13.74 14.70
CA ARG D 255 26.93 15.17 14.53
C ARG D 255 28.41 15.39 14.25
N TYR D 256 29.25 14.77 15.08
CA TYR D 256 30.70 14.90 14.96
C TYR D 256 31.23 14.44 13.59
N ALA D 257 30.80 13.27 13.16
CA ALA D 257 31.25 12.69 11.89
C ALA D 257 30.93 13.55 10.67
N GLU D 258 30.14 14.60 10.86
CA GLU D 258 29.77 15.48 9.75
C GLU D 258 30.95 16.31 9.27
N ARG D 259 32.01 16.31 10.08
CA ARG D 259 33.21 17.07 9.75
C ARG D 259 34.00 16.37 8.66
N TRP D 260 33.57 15.16 8.30
CA TRP D 260 34.32 14.43 7.28
C TRP D 260 33.56 14.20 5.99
N LYS D 261 32.36 14.74 5.91
CA LYS D 261 31.57 14.62 4.69
C LYS D 261 32.53 15.19 3.62
N PRO D 262 32.49 14.65 2.41
CA PRO D 262 31.68 13.54 1.90
C PRO D 262 32.40 12.19 1.89
N TRP D 263 33.34 12.00 2.82
CA TRP D 263 34.07 10.71 2.88
C TRP D 263 33.94 10.05 4.23
N ARG D 264 32.75 10.14 4.82
CA ARG D 264 32.55 9.54 6.12
C ARG D 264 32.88 8.05 6.16
N SER D 265 32.72 7.36 5.03
CA SER D 265 33.04 5.93 5.01
C SER D 265 34.55 5.72 5.21
N TYR D 266 35.37 6.56 4.60
CA TYR D 266 36.80 6.41 4.81
C TYR D 266 37.11 6.81 6.26
N ALA D 267 36.46 7.87 6.74
CA ALA D 267 36.66 8.34 8.11
C ALA D 267 36.45 7.18 9.07
N LEU D 268 35.37 6.44 8.82
CA LEU D 268 35.00 5.29 9.62
C LEU D 268 36.04 4.18 9.66
N LEU D 269 36.60 3.84 8.50
CA LEU D 269 37.59 2.78 8.45
C LEU D 269 38.88 3.17 9.17
N HIS D 270 39.21 4.45 9.15
CA HIS D 270 40.42 4.91 9.81
C HIS D 270 40.22 4.88 11.31
N ILE D 271 39.04 5.32 11.76
CA ILE D 271 38.72 5.32 13.19
C ILE D 271 38.60 3.89 13.69
N TRP D 272 38.05 3.01 12.85
CA TRP D 272 37.90 1.61 13.24
C TRP D 272 39.27 0.96 13.45
N TYR D 273 40.22 1.22 12.56
CA TYR D 273 41.52 0.61 12.69
C TYR D 273 42.58 1.50 13.32
N THR D 274 42.16 2.17 14.38
CA THR D 274 43.04 3.05 15.13
C THR D 274 42.74 2.90 16.61
N GLU D 275 43.34 1.88 17.22
CA GLU D 275 43.18 1.63 18.64
C GLU D 275 43.56 2.88 19.40
N GLY D 276 42.74 3.29 20.36
CA GLY D 276 43.08 4.47 21.14
C GLY D 276 42.73 5.82 20.53
N TRP D 277 42.04 5.82 19.40
CA TRP D 277 41.66 7.08 18.79
C TRP D 277 40.59 7.68 19.71
N GLN D 278 40.55 8.99 19.79
CA GLN D 278 39.56 9.66 20.62
C GLN D 278 39.20 10.97 19.96
N PRO D 279 37.95 11.42 20.13
CA PRO D 279 37.46 12.67 19.55
C PRO D 279 38.06 13.92 20.19
N ASP D 280 38.00 15.04 19.50
CA ASP D 280 38.55 16.27 20.03
C ASP D 280 37.65 16.95 21.05
N GLU D 281 38.06 18.14 21.48
CA GLU D 281 37.34 18.96 22.44
C GLU D 281 36.29 19.78 21.70
N ALA D 282 36.11 19.49 20.41
CA ALA D 282 35.16 20.20 19.57
C ALA D 282 33.73 20.00 20.04
P 8OG E 6 -18.01 -1.28 -19.02
OP1 8OG E 6 -19.34 -0.76 -19.46
OP2 8OG E 6 -17.85 -1.89 -17.68
O5' 8OG E 6 -17.56 -2.39 -20.07
C5' 8OG E 6 -17.76 -2.22 -21.47
C4' 8OG E 6 -17.85 -3.58 -22.14
O4' 8OG E 6 -16.56 -4.24 -22.07
C3' 8OG E 6 -18.85 -4.52 -21.46
O3' 8OG E 6 -19.51 -5.33 -22.46
C2' 8OG E 6 -17.96 -5.40 -20.57
C1' 8OG E 6 -16.67 -5.49 -21.37
N9 8OG E 6 -15.46 -5.67 -20.59
C8 8OG E 6 -15.19 -5.23 -19.32
N7 8OG E 6 -13.99 -5.55 -18.90
C5 8OG E 6 -13.45 -6.24 -19.96
C6 8OG E 6 -12.16 -6.82 -20.12
O6 8OG E 6 -11.21 -6.83 -19.31
N1 8OG E 6 -12.00 -7.41 -21.37
C2 8OG E 6 -12.98 -7.45 -22.35
N2 8OG E 6 -12.65 -8.02 -23.52
N3 8OG E 6 -14.19 -6.92 -22.21
C4 8OG E 6 -14.35 -6.33 -21.01
O8 8OG E 6 -15.99 -4.58 -18.62
P 8OG G 6 4.30 0.42 27.23
OP1 8OG G 6 5.20 -0.74 27.06
OP2 8OG G 6 3.13 0.31 28.14
O5' 8OG G 6 5.18 1.67 27.71
C5' 8OG G 6 6.56 1.73 27.38
C4' 8OG G 6 7.08 3.13 27.55
O4' 8OG G 6 8.23 3.30 26.67
C3' 8OG G 6 6.11 4.25 27.15
O3' 8OG G 6 6.49 5.40 27.89
C2' 8OG G 6 6.53 4.55 25.73
C1' 8OG G 6 8.02 4.47 25.91
N9 8OG G 6 8.83 4.41 24.70
C8 8OG G 6 8.47 3.93 23.47
N7 8OG G 6 9.40 4.06 22.57
C5 8OG G 6 10.45 4.64 23.25
C6 8OG G 6 11.74 5.03 22.80
O6 8OG G 6 12.22 4.93 21.67
N1 8OG G 6 12.49 5.58 23.84
C2 8OG G 6 12.07 5.75 25.13
N2 8OG G 6 12.94 6.30 25.99
N3 8OG G 6 10.87 5.39 25.56
C4 8OG G 6 10.11 4.85 24.58
O8 8OG G 6 7.37 3.44 23.23
#